data_9D04
#
_entry.id   9D04
#
_cell.length_a   60.280
_cell.length_b   60.280
_cell.length_c   318.130
_cell.angle_alpha   90.000
_cell.angle_beta   90.000
_cell.angle_gamma   120.000
#
_symmetry.space_group_name_H-M   'P 65'
#
loop_
_entity.id
_entity.type
_entity.pdbx_description
1 polymer 'Threonine aspartase subunit beta,Threonine aspartase subunit alpha'
2 non-polymer 'SODIUM ION'
3 non-polymer 'CHLORIDE ION'
4 non-polymer 1-(ethenylsulfonyl)-4-{[4-(trifluoromethoxy)phenyl]methyl}piperazine
5 water water
#
_entity_poly.entity_id   1
_entity_poly.type   'polypeptide(L)'
_entity_poly.pdbx_seq_one_letter_code
;MTVGAVVVDHEGNVAAAVSSGGLALKHPGRVGQAALYGCGCWAENTGAHNPYSTAVSTSGCGEHLVRTILARECSHALQA
EDAHQALLETMQNKFISSPFLASEDGVLGGVIVLRSCRCSAEPDSSQNKQTLLVEFLWSHTTESMCVGYMSAQDGKAKTH
ISRLPPGAVAGQSVAIEGGVCRLEGSGSGGFVLVHAGAGYHSESKAKEYKHVCKRACQKAIEKLQAGALATDAVTAALVE
LEDSPFTNAGMGSNLNLLGEIECDASIMDGKSLNFGAVGALSGIKNPVSVANRLLCEGQKGKLSAGRIPPCFLVGEGAYR
WAVDHGIPSCPLEHHHHHH
;
_entity_poly.pdbx_strand_id   A,B
#
loop_
_chem_comp.id
_chem_comp.type
_chem_comp.name
_chem_comp.formula
CL non-polymer 'CHLORIDE ION' 'Cl -1'
NA non-polymer 'SODIUM ION' 'Na 1'
R1G non-polymer 1-(ethenylsulfonyl)-4-{[4-(trifluoromethoxy)phenyl]methyl}piperazine 'C14 H17 F3 N2 O3 S'
#
# COMPACT_ATOMS: atom_id res chain seq x y z
N THR A 2 5.80 10.67 -13.81
CA THR A 2 5.52 10.91 -12.39
C THR A 2 6.22 12.17 -11.90
N VAL A 3 5.50 12.94 -11.06
CA VAL A 3 6.04 14.15 -10.45
C VAL A 3 5.84 14.06 -8.94
N GLY A 4 6.67 14.80 -8.22
CA GLY A 4 6.55 14.79 -6.77
C GLY A 4 7.17 16.01 -6.15
N ALA A 5 6.87 16.18 -4.88
CA ALA A 5 7.39 17.28 -4.09
C ALA A 5 7.40 16.86 -2.63
N VAL A 6 8.31 17.46 -1.87
CA VAL A 6 8.38 17.33 -0.42
C VAL A 6 8.62 18.74 0.15
N VAL A 7 7.98 19.02 1.29
CA VAL A 7 8.01 20.36 1.89
C VAL A 7 8.24 20.22 3.40
N VAL A 8 8.99 21.17 3.96
CA VAL A 8 9.04 21.38 5.40
C VAL A 8 8.78 22.86 5.66
N ASP A 9 7.93 23.17 6.65
CA ASP A 9 7.65 24.56 7.01
C ASP A 9 8.63 25.01 8.09
N HIS A 10 8.46 26.26 8.56
CA HIS A 10 9.43 26.84 9.48
C HIS A 10 9.45 26.15 10.83
N GLU A 11 8.47 25.30 11.14
CA GLU A 11 8.43 24.58 12.41
C GLU A 11 8.97 23.15 12.33
N GLY A 12 9.34 22.68 11.14
CA GLY A 12 9.69 21.29 10.97
C GLY A 12 8.54 20.38 10.61
N ASN A 13 7.36 20.93 10.32
CA ASN A 13 6.27 20.13 9.81
C ASN A 13 6.53 19.76 8.35
N VAL A 14 6.41 18.48 8.04
CA VAL A 14 6.73 17.99 6.70
C VAL A 14 5.47 17.51 6.00
N ALA A 15 5.52 17.53 4.67
CA ALA A 15 4.49 16.96 3.81
C ALA A 15 5.15 16.44 2.54
N ALA A 16 4.47 15.49 1.89
CA ALA A 16 4.95 14.91 0.64
C ALA A 16 3.76 14.56 -0.23
N ALA A 17 3.98 14.61 -1.54
CA ALA A 17 2.93 14.25 -2.49
C ALA A 17 3.59 13.73 -3.75
N VAL A 18 2.78 13.05 -4.55
CA VAL A 18 3.22 12.40 -5.76
C VAL A 18 2.00 12.31 -6.67
N SER A 19 2.22 12.38 -7.98
CA SER A 19 1.13 12.36 -8.95
C SER A 19 1.66 11.71 -10.23
N SER A 20 0.83 10.88 -10.86
CA SER A 20 1.33 10.16 -12.04
C SER A 20 0.18 9.84 -12.98
N GLY A 21 0.51 9.72 -14.25
CA GLY A 21 -0.38 9.16 -15.25
C GLY A 21 -0.24 7.66 -15.41
N GLY A 22 0.77 7.06 -14.79
CA GLY A 22 0.98 5.62 -14.86
C GLY A 22 1.58 5.20 -16.19
N LEU A 23 1.58 3.89 -16.40
CA LEU A 23 2.21 3.27 -17.56
C LEU A 23 1.42 3.54 -18.84
N ALA A 24 2.15 3.88 -19.91
CA ALA A 24 1.53 4.06 -21.22
C ALA A 24 0.88 2.76 -21.68
N LEU A 25 -0.32 2.88 -22.26
CA LEU A 25 -1.11 1.76 -22.76
C LEU A 25 -1.50 0.76 -21.66
N LYS A 26 -1.46 1.17 -20.40
CA LYS A 26 -1.87 0.28 -19.32
C LYS A 26 -3.32 -0.16 -19.51
N HIS A 27 -3.62 -1.33 -19.00
CA HIS A 27 -5.01 -1.77 -18.97
C HIS A 27 -5.84 -0.80 -18.15
N PRO A 28 -7.08 -0.52 -18.55
CA PRO A 28 -7.95 0.33 -17.75
C PRO A 28 -8.04 -0.17 -16.31
N GLY A 29 -8.01 0.76 -15.37
CA GLY A 29 -8.12 0.45 -13.97
C GLY A 29 -6.84 0.04 -13.28
N ARG A 30 -5.71 -0.07 -13.99
CA ARG A 30 -4.43 -0.38 -13.35
C ARG A 30 -3.98 0.80 -12.51
N VAL A 31 -3.76 0.55 -11.22
CA VAL A 31 -3.32 1.57 -10.27
C VAL A 31 -1.89 1.27 -9.85
N GLY A 32 -1.04 2.30 -9.83
CA GLY A 32 0.36 2.15 -9.51
C GLY A 32 0.77 2.86 -8.23
N GLN A 33 2.09 3.03 -8.07
CA GLN A 33 2.67 3.45 -6.79
C GLN A 33 2.19 4.84 -6.34
N ALA A 34 1.85 5.74 -7.28
CA ALA A 34 1.50 7.11 -6.87
C ALA A 34 0.20 7.18 -6.08
N ALA A 35 -0.62 6.13 -6.10
CA ALA A 35 -1.84 6.08 -5.30
C ALA A 35 -1.70 5.28 -4.00
N LEU A 36 -0.60 4.56 -3.79
CA LEU A 36 -0.54 3.48 -2.80
C LEU A 36 0.20 3.93 -1.54
N TYR A 37 -0.49 3.83 -0.41
CA TYR A 37 0.07 4.13 0.91
C TYR A 37 1.42 3.45 1.12
N GLY A 38 2.40 4.22 1.60
CA GLY A 38 3.74 3.73 1.81
C GLY A 38 4.63 3.71 0.58
N CYS A 39 4.05 3.67 -0.62
CA CYS A 39 4.84 3.43 -1.82
C CYS A 39 5.23 4.72 -2.53
N GLY A 40 4.25 5.56 -2.83
CA GLY A 40 4.46 6.74 -3.63
C GLY A 40 5.05 7.90 -2.87
N CYS A 41 4.62 8.13 -1.63
CA CYS A 41 5.16 9.22 -0.84
C CYS A 41 5.04 8.86 0.63
N TRP A 42 5.73 9.62 1.46
CA TRP A 42 5.67 9.38 2.89
C TRP A 42 6.09 10.66 3.61
N ALA A 43 5.41 10.96 4.72
CA ALA A 43 5.74 12.12 5.54
C ALA A 43 5.47 11.80 6.99
N GLU A 44 6.44 12.09 7.86
CA GLU A 44 6.32 11.73 9.26
C GLU A 44 7.13 12.71 10.08
N ASN A 45 6.46 13.48 10.94
CA ASN A 45 7.16 14.42 11.80
C ASN A 45 7.99 13.67 12.85
N THR A 46 8.95 14.39 13.42
CA THR A 46 9.72 13.84 14.51
C THR A 46 8.80 13.45 15.66
N GLY A 47 9.11 12.32 16.30
CA GLY A 47 8.32 11.81 17.39
C GLY A 47 9.14 10.98 18.37
N ALA A 48 8.48 10.11 19.13
CA ALA A 48 9.16 9.33 20.17
C ALA A 48 10.32 8.52 19.59
N HIS A 49 10.01 7.58 18.71
CA HIS A 49 11.04 6.77 18.06
C HIS A 49 11.27 7.25 16.63
N ASN A 50 11.59 8.54 16.52
CA ASN A 50 11.66 9.22 15.23
C ASN A 50 12.30 10.60 15.41
N PRO A 51 13.63 10.69 15.49
CA PRO A 51 14.26 11.98 15.84
C PRO A 51 14.20 13.03 14.74
N TYR A 52 13.91 12.63 13.50
CA TYR A 52 13.85 13.54 12.37
C TYR A 52 12.44 13.59 11.81
N SER A 53 12.02 14.77 11.34
CA SER A 53 10.87 14.85 10.45
C SER A 53 11.33 14.51 9.04
N THR A 54 10.65 13.56 8.39
CA THR A 54 11.11 13.07 7.09
CA THR A 54 11.11 13.04 7.11
C THR A 54 9.98 13.08 6.09
N ALA A 55 10.33 13.39 4.83
CA ALA A 55 9.38 13.40 3.73
C ALA A 55 10.02 12.81 2.49
N VAL A 56 9.29 11.94 1.79
CA VAL A 56 9.83 11.21 0.65
C VAL A 56 8.78 11.20 -0.46
N SER A 57 9.21 11.39 -1.70
CA SER A 57 8.35 11.20 -2.86
C SER A 57 9.15 10.43 -3.90
N THR A 58 8.48 9.57 -4.66
CA THR A 58 9.16 8.65 -5.57
C THR A 58 8.91 9.01 -7.03
N SER A 59 9.62 8.30 -7.91
CA SER A 59 9.54 8.47 -9.36
CA SER A 59 9.43 8.41 -9.35
C SER A 59 9.97 7.17 -10.03
N GLY A 60 9.66 7.04 -11.32
CA GLY A 60 10.12 5.91 -12.11
C GLY A 60 9.08 4.84 -12.36
N CYS A 61 9.59 3.63 -12.65
CA CYS A 61 8.72 2.50 -12.96
C CYS A 61 7.80 2.19 -11.79
N GLY A 62 6.52 1.98 -12.08
CA GLY A 62 5.55 1.90 -10.99
C GLY A 62 5.64 0.62 -10.18
N GLU A 63 5.85 -0.52 -10.84
CA GLU A 63 5.72 -1.77 -10.09
C GLU A 63 6.90 -2.03 -9.18
N HIS A 64 8.10 -1.55 -9.55
CA HIS A 64 9.28 -1.72 -8.71
C HIS A 64 9.15 -0.93 -7.41
N LEU A 65 8.53 0.25 -7.47
CA LEU A 65 8.35 1.08 -6.29
C LEU A 65 7.29 0.51 -5.35
N VAL A 66 6.24 -0.12 -5.91
CA VAL A 66 5.23 -0.78 -5.08
C VAL A 66 5.84 -1.95 -4.31
N ARG A 67 6.44 -2.90 -5.04
CA ARG A 67 6.86 -4.15 -4.42
C ARG A 67 7.83 -3.92 -3.25
N THR A 68 8.58 -2.82 -3.28
CA THR A 68 9.57 -2.53 -2.26
C THR A 68 9.09 -1.51 -1.24
N ILE A 69 7.87 -0.98 -1.41
CA ILE A 69 7.30 0.06 -0.53
C ILE A 69 8.34 1.13 -0.27
N LEU A 70 8.82 1.75 -1.35
CA LEU A 70 10.11 2.43 -1.29
C LEU A 70 10.05 3.70 -0.44
N ALA A 71 8.97 4.49 -0.57
CA ALA A 71 8.94 5.77 0.13
C ALA A 71 9.02 5.57 1.64
N ARG A 72 8.24 4.64 2.17
CA ARG A 72 8.31 4.36 3.59
C ARG A 72 9.67 3.78 3.99
N GLU A 73 10.23 2.88 3.18
CA GLU A 73 11.55 2.32 3.48
C GLU A 73 12.59 3.43 3.57
N CYS A 74 12.54 4.38 2.64
CA CYS A 74 13.48 5.50 2.67
C CYS A 74 13.31 6.33 3.93
N SER A 75 12.07 6.65 4.28
CA SER A 75 11.83 7.43 5.48
C SER A 75 12.38 6.75 6.72
N HIS A 76 12.19 5.43 6.84
CA HIS A 76 12.73 4.72 8.00
C HIS A 76 14.25 4.69 7.98
N ALA A 77 14.85 4.48 6.81
CA ALA A 77 16.31 4.48 6.75
C ALA A 77 16.88 5.85 7.15
N LEU A 78 16.18 6.93 6.80
CA LEU A 78 16.62 8.28 7.13
C LEU A 78 16.56 8.60 8.61
N GLN A 79 16.12 7.66 9.46
CA GLN A 79 16.26 7.90 10.88
C GLN A 79 17.67 7.63 11.36
N ALA A 80 18.51 7.00 10.54
CA ALA A 80 19.91 6.81 10.89
C ALA A 80 20.64 8.14 10.86
N GLU A 81 21.82 8.16 11.49
CA GLU A 81 22.57 9.39 11.65
C GLU A 81 22.97 9.97 10.30
N ASP A 82 23.60 9.15 9.45
CA ASP A 82 24.15 9.58 8.17
C ASP A 82 23.06 9.39 7.10
N ALA A 83 22.46 10.50 6.67
CA ALA A 83 21.34 10.44 5.74
C ALA A 83 21.77 9.99 4.36
N HIS A 84 22.88 10.57 3.86
CA HIS A 84 23.44 10.16 2.58
C HIS A 84 23.72 8.65 2.54
N GLN A 85 24.44 8.15 3.55
CA GLN A 85 24.72 6.72 3.59
C GLN A 85 23.43 5.89 3.70
N ALA A 86 22.48 6.35 4.51
CA ALA A 86 21.23 5.62 4.67
C ALA A 86 20.47 5.53 3.35
N LEU A 87 20.38 6.63 2.61
CA LEU A 87 19.62 6.58 1.37
C LEU A 87 20.30 5.69 0.34
N LEU A 88 21.62 5.83 0.21
CA LEU A 88 22.36 5.04 -0.76
C LEU A 88 22.20 3.54 -0.49
N GLU A 89 22.35 3.14 0.77
CA GLU A 89 22.18 1.72 1.12
C GLU A 89 20.77 1.24 0.81
N THR A 90 19.76 2.08 1.08
CA THR A 90 18.40 1.69 0.78
C THR A 90 18.20 1.48 -0.71
N MET A 91 18.67 2.45 -1.52
CA MET A 91 18.56 2.33 -2.97
C MET A 91 19.29 1.10 -3.47
N GLN A 92 20.46 0.81 -2.91
CA GLN A 92 21.24 -0.34 -3.37
C GLN A 92 20.66 -1.67 -2.89
N ASN A 93 20.36 -1.78 -1.60
CA ASN A 93 19.97 -3.05 -0.96
C ASN A 93 18.46 -3.31 -0.98
N LYS A 94 17.66 -2.29 -0.70
CA LYS A 94 16.22 -2.43 -0.59
C LYS A 94 15.51 -2.23 -1.93
N PHE A 95 16.16 -1.57 -2.89
CA PHE A 95 15.56 -1.34 -4.20
C PHE A 95 16.22 -2.23 -5.24
N ILE A 96 17.43 -1.86 -5.73
CA ILE A 96 18.11 -2.64 -6.78
C ILE A 96 18.19 -4.13 -6.41
N SER A 97 18.61 -4.44 -5.19
CA SER A 97 18.88 -5.83 -4.83
C SER A 97 17.75 -6.44 -4.01
N SER A 98 16.56 -5.87 -4.07
CA SER A 98 15.46 -6.43 -3.30
C SER A 98 15.13 -7.81 -3.84
N PRO A 99 14.89 -8.79 -2.96
CA PRO A 99 14.37 -10.08 -3.44
C PRO A 99 13.00 -9.93 -4.09
N PHE A 100 12.29 -8.84 -3.81
CA PHE A 100 10.97 -8.61 -4.39
C PHE A 100 11.02 -8.28 -5.86
N LEU A 101 12.21 -8.00 -6.41
CA LEU A 101 12.37 -7.69 -7.82
C LEU A 101 13.48 -8.53 -8.46
N ALA A 102 13.77 -9.70 -7.90
CA ALA A 102 14.91 -10.49 -8.36
C ALA A 102 14.72 -11.03 -9.77
N SER A 103 13.48 -11.16 -10.23
CA SER A 103 13.22 -11.63 -11.59
C SER A 103 13.47 -10.56 -12.66
N GLU A 104 13.61 -9.30 -12.28
CA GLU A 104 13.66 -8.21 -13.24
C GLU A 104 15.09 -7.94 -13.69
N ASP A 105 15.24 -7.64 -14.99
CA ASP A 105 16.50 -7.18 -15.55
C ASP A 105 16.50 -5.65 -15.45
N GLY A 106 17.12 -5.13 -14.39
CA GLY A 106 17.14 -3.70 -14.14
C GLY A 106 15.99 -3.22 -13.29
N VAL A 107 16.27 -2.34 -12.34
CA VAL A 107 15.26 -1.81 -11.41
C VAL A 107 15.32 -0.29 -11.52
N LEU A 108 14.21 0.31 -11.96
CA LEU A 108 14.21 1.70 -12.41
C LEU A 108 13.35 2.57 -11.49
N GLY A 109 13.96 3.54 -10.84
CA GLY A 109 13.19 4.44 -10.01
C GLY A 109 14.06 5.49 -9.37
N GLY A 110 13.39 6.40 -8.66
CA GLY A 110 14.07 7.49 -7.97
C GLY A 110 13.24 8.02 -6.82
N VAL A 111 13.90 8.79 -5.95
CA VAL A 111 13.26 9.41 -4.79
C VAL A 111 13.83 10.82 -4.58
N ILE A 112 12.99 11.68 -4.05
CA ILE A 112 13.42 12.91 -3.39
C ILE A 112 13.08 12.79 -1.92
N VAL A 113 13.95 13.29 -1.06
CA VAL A 113 13.74 13.21 0.38
C VAL A 113 14.15 14.53 1.00
N LEU A 114 13.54 14.85 2.12
CA LEU A 114 14.14 15.82 3.02
C LEU A 114 13.96 15.31 4.44
N ARG A 115 14.87 15.72 5.31
CA ARG A 115 14.64 15.51 6.73
C ARG A 115 15.13 16.74 7.48
N SER A 116 14.39 17.10 8.52
CA SER A 116 14.76 18.26 9.30
C SER A 116 14.86 17.85 10.76
N CYS A 117 15.61 18.65 11.51
CA CYS A 117 15.59 18.60 12.96
C CYS A 117 15.96 19.98 13.49
N ARG A 118 15.43 20.31 14.66
CA ARG A 118 15.80 21.55 15.33
C ARG A 118 17.15 21.39 16.02
N CYS A 119 18.06 22.32 15.75
CA CYS A 119 19.33 22.36 16.49
C CYS A 119 19.35 23.51 17.48
N GLN A 130 16.52 29.21 17.92
CA GLN A 130 15.64 28.27 17.23
C GLN A 130 15.92 28.27 15.73
N THR A 131 16.59 27.23 15.26
CA THR A 131 16.92 27.09 13.84
C THR A 131 16.63 25.67 13.41
N LEU A 132 16.42 25.51 12.11
CA LEU A 132 16.03 24.23 11.52
C LEU A 132 17.10 23.77 10.55
N LEU A 133 17.61 22.56 10.73
CA LEU A 133 18.59 21.98 9.83
C LEU A 133 17.86 21.03 8.88
N VAL A 134 17.85 21.39 7.61
CA VAL A 134 17.17 20.61 6.58
C VAL A 134 18.23 19.96 5.70
N GLU A 135 18.16 18.65 5.58
CA GLU A 135 18.99 17.92 4.65
C GLU A 135 18.08 17.38 3.56
N PHE A 136 18.46 17.60 2.30
CA PHE A 136 17.64 17.20 1.16
C PHE A 136 18.52 16.41 0.21
N LEU A 137 17.95 15.36 -0.39
CA LEU A 137 18.70 14.49 -1.30
C LEU A 137 17.78 14.00 -2.40
N TRP A 138 18.38 13.64 -3.51
CA TRP A 138 17.69 12.88 -4.55
C TRP A 138 18.58 11.72 -4.95
N SER A 139 17.94 10.66 -5.41
CA SER A 139 18.65 9.45 -5.79
C SER A 139 17.81 8.74 -6.84
N HIS A 140 18.47 8.12 -7.82
CA HIS A 140 17.71 7.47 -8.89
C HIS A 140 18.59 6.43 -9.55
N THR A 141 17.94 5.39 -10.10
CA THR A 141 18.62 4.36 -10.88
C THR A 141 18.34 4.52 -12.36
N THR A 142 17.50 5.48 -12.72
CA THR A 142 17.26 5.87 -14.10
C THR A 142 18.46 6.68 -14.63
N GLU A 143 18.49 6.83 -15.95
CA GLU A 143 19.52 7.67 -16.58
C GLU A 143 19.53 9.07 -15.99
N SER A 144 18.37 9.66 -15.81
CA SER A 144 18.33 11.05 -15.36
C SER A 144 17.11 11.29 -14.48
N MET A 145 17.14 12.43 -13.80
CA MET A 145 16.05 12.88 -12.97
C MET A 145 16.14 14.39 -12.84
N CYS A 146 15.04 15.10 -13.05
CA CYS A 146 15.04 16.55 -12.96
C CYS A 146 14.47 16.97 -11.61
N VAL A 147 15.23 17.77 -10.87
CA VAL A 147 14.83 18.25 -9.55
C VAL A 147 14.90 19.76 -9.53
N GLY A 148 14.16 20.33 -8.58
CA GLY A 148 14.30 21.73 -8.24
C GLY A 148 14.13 21.85 -6.74
N TYR A 149 14.76 22.88 -6.17
CA TYR A 149 14.66 23.06 -4.73
C TYR A 149 14.83 24.53 -4.39
N MET A 150 14.35 24.90 -3.20
CA MET A 150 14.26 26.31 -2.86
C MET A 150 13.95 26.41 -1.39
N SER A 151 14.59 27.38 -0.73
CA SER A 151 14.20 27.76 0.62
C SER A 151 13.59 29.15 0.59
N ALA A 152 12.74 29.44 1.57
CA ALA A 152 12.07 30.74 1.58
C ALA A 152 13.04 31.89 1.78
N GLN A 153 14.18 31.64 2.40
CA GLN A 153 15.16 32.69 2.65
C GLN A 153 16.11 32.92 1.49
N ASP A 154 16.38 31.91 0.65
CA ASP A 154 17.27 32.16 -0.49
C ASP A 154 16.55 32.93 -1.60
N GLY A 155 15.27 32.63 -1.82
CA GLY A 155 14.47 33.40 -2.76
C GLY A 155 14.80 33.22 -4.23
N LYS A 156 15.63 32.23 -4.57
CA LYS A 156 15.89 31.89 -5.95
C LYS A 156 15.86 30.37 -6.08
N ALA A 157 14.93 29.85 -6.86
CA ALA A 157 14.84 28.41 -7.05
C ALA A 157 16.03 27.89 -7.84
N LYS A 158 16.59 26.77 -7.40
CA LYS A 158 17.66 26.09 -8.11
C LYS A 158 17.11 24.83 -8.74
N THR A 159 17.45 24.60 -10.01
CA THR A 159 17.04 23.39 -10.72
C THR A 159 18.27 22.67 -11.25
N HIS A 160 18.11 21.37 -11.47
CA HIS A 160 19.28 20.55 -11.75
C HIS A 160 18.82 19.25 -12.38
N ILE A 161 19.51 18.82 -13.42
CA ILE A 161 19.24 17.54 -14.03
C ILE A 161 20.32 16.57 -13.55
N SER A 162 19.92 15.63 -12.70
CA SER A 162 20.84 14.65 -12.15
C SER A 162 20.98 13.51 -13.15
N ARG A 163 22.22 13.10 -13.44
CA ARG A 163 22.47 12.05 -14.43
C ARG A 163 23.33 10.95 -13.81
N LEU A 164 23.13 9.72 -14.29
CA LEU A 164 24.08 8.65 -13.97
C LEU A 164 25.43 8.96 -14.58
N PRO A 165 26.51 8.78 -13.84
CA PRO A 165 27.85 9.07 -14.35
C PRO A 165 28.24 8.13 -15.46
N PRO A 166 29.25 8.47 -16.25
CA PRO A 166 29.76 7.53 -17.25
C PRO A 166 30.24 6.24 -16.60
N GLY A 167 29.92 5.12 -17.23
CA GLY A 167 30.23 3.82 -16.70
C GLY A 167 29.12 3.19 -15.90
N ALA A 168 28.16 3.98 -15.43
CA ALA A 168 27.02 3.43 -14.72
C ALA A 168 26.08 2.75 -15.71
N VAL A 169 25.24 1.86 -15.20
CA VAL A 169 24.26 1.15 -16.02
C VAL A 169 22.88 1.44 -15.45
N ALA A 170 22.01 2.05 -16.26
CA ALA A 170 20.66 2.34 -15.82
C ALA A 170 19.96 1.06 -15.36
N GLY A 171 19.22 1.17 -14.24
CA GLY A 171 18.57 0.02 -13.63
C GLY A 171 19.49 -0.86 -12.80
N GLN A 172 20.77 -0.53 -12.73
CA GLN A 172 21.73 -1.32 -11.96
C GLN A 172 22.66 -0.48 -11.11
N SER A 173 22.74 0.82 -11.34
CA SER A 173 23.61 1.74 -10.64
C SER A 173 22.75 2.79 -9.97
N VAL A 174 23.32 3.46 -8.98
CA VAL A 174 22.64 4.48 -8.19
C VAL A 174 23.38 5.79 -8.35
N ALA A 175 22.66 6.86 -8.64
CA ALA A 175 23.19 8.21 -8.51
C ALA A 175 22.57 8.84 -7.27
N ILE A 176 23.36 9.65 -6.56
CA ILE A 176 22.83 10.25 -5.34
C ILE A 176 23.55 11.57 -5.11
N GLU A 177 22.78 12.62 -4.86
CA GLU A 177 23.34 13.93 -4.52
C GLU A 177 22.42 14.58 -3.50
N GLY A 178 22.90 15.67 -2.90
CA GLY A 178 22.05 16.42 -2.00
C GLY A 178 22.84 17.52 -1.32
N GLY A 179 22.18 18.17 -0.37
CA GLY A 179 22.79 19.23 0.38
C GLY A 179 22.10 19.45 1.71
N VAL A 180 22.49 20.54 2.36
CA VAL A 180 22.00 20.88 3.68
C VAL A 180 21.63 22.36 3.66
N CYS A 181 20.60 22.69 4.40
CA CYS A 181 20.07 24.04 4.45
C CYS A 181 19.66 24.35 5.88
N ARG A 182 20.06 25.50 6.39
CA ARG A 182 19.69 25.94 7.72
C ARG A 182 18.74 27.12 7.60
N LEU A 183 17.56 26.99 8.20
CA LEU A 183 16.52 27.99 8.14
C LEU A 183 16.38 28.66 9.50
N GLU A 184 15.93 29.91 9.49
CA GLU A 184 15.52 30.53 10.73
C GLU A 184 14.10 30.07 11.04
N GLY A 185 13.89 29.53 12.24
CA GLY A 185 12.60 28.99 12.60
C GLY A 185 11.72 29.99 13.30
N SER A 186 11.91 31.27 12.96
CA SER A 186 11.23 32.36 13.62
C SER A 186 10.30 33.12 12.69
N GLY A 187 10.28 32.77 11.41
CA GLY A 187 9.44 33.49 10.46
C GLY A 187 8.31 32.65 9.91
N SER A 188 8.10 32.72 8.61
CA SER A 188 7.12 31.91 7.89
C SER A 188 7.81 31.19 6.75
N GLY A 189 9.05 30.75 6.97
CA GLY A 189 9.88 30.19 5.94
C GLY A 189 9.71 28.69 5.79
N GLY A 190 10.68 28.08 5.14
CA GLY A 190 10.63 26.66 4.86
C GLY A 190 11.46 26.31 3.64
N PHE A 191 11.27 25.09 3.18
CA PHE A 191 12.08 24.55 2.10
C PHE A 191 11.24 23.57 1.30
N VAL A 192 11.46 23.54 0.00
CA VAL A 192 10.75 22.63 -0.90
C VAL A 192 11.76 22.00 -1.84
N LEU A 193 11.56 20.72 -2.15
CA LEU A 193 12.29 19.99 -3.18
C LEU A 193 11.24 19.27 -4.03
N VAL A 194 11.34 19.42 -5.35
CA VAL A 194 10.37 18.81 -6.27
C VAL A 194 11.15 17.98 -7.28
N HIS A 195 10.41 17.17 -8.03
CA HIS A 195 10.98 16.50 -9.20
C HIS A 195 9.94 16.40 -10.30
N ALA A 196 10.41 16.49 -11.55
CA ALA A 196 9.52 16.50 -12.71
C ALA A 196 9.56 15.20 -13.47
N GLY A 197 10.25 14.21 -12.96
CA GLY A 197 10.29 12.90 -13.58
C GLY A 197 11.68 12.31 -13.49
N ALA A 198 11.74 10.98 -13.55
CA ALA A 198 12.98 10.22 -13.60
C ALA A 198 12.84 9.19 -14.70
N GLY A 199 13.80 9.18 -15.61
CA GLY A 199 13.77 8.24 -16.71
C GLY A 199 14.89 8.50 -17.70
N TYR A 200 14.57 8.44 -18.98
CA TYR A 200 15.56 8.62 -20.03
C TYR A 200 15.98 10.07 -20.11
N HIS A 201 17.27 10.31 -20.35
CA HIS A 201 17.70 11.68 -20.57
C HIS A 201 17.11 12.20 -21.87
N SER A 202 16.62 13.44 -21.83
CA SER A 202 16.12 14.12 -23.02
C SER A 202 16.70 15.53 -23.00
N GLU A 203 17.72 15.78 -23.82
CA GLU A 203 18.26 17.12 -23.93
C GLU A 203 17.20 18.10 -24.42
N SER A 204 16.27 17.62 -25.24
CA SER A 204 15.24 18.45 -25.84
C SER A 204 14.46 19.23 -24.80
N LYS A 205 13.60 18.53 -24.05
CA LYS A 205 12.74 19.15 -23.05
C LYS A 205 13.44 19.36 -21.70
N ALA A 206 14.78 19.24 -21.67
CA ALA A 206 15.51 19.45 -20.41
C ALA A 206 15.20 20.80 -19.81
N LYS A 207 15.23 21.84 -20.64
CA LYS A 207 14.94 23.19 -20.16
C LYS A 207 13.50 23.32 -19.68
N GLU A 208 12.56 22.65 -20.34
CA GLU A 208 11.16 22.74 -19.93
C GLU A 208 10.94 22.07 -18.58
N TYR A 209 11.57 20.91 -18.34
CA TYR A 209 11.43 20.25 -17.05
C TYR A 209 12.00 21.11 -15.93
N LYS A 210 13.18 21.70 -16.18
CA LYS A 210 13.80 22.59 -15.20
C LYS A 210 12.89 23.78 -14.93
N HIS A 211 12.25 24.31 -15.96
CA HIS A 211 11.36 25.47 -15.83
CA HIS A 211 11.41 25.47 -15.78
C HIS A 211 10.17 25.14 -14.94
N VAL A 212 9.52 24.01 -15.19
CA VAL A 212 8.36 23.69 -14.36
C VAL A 212 8.78 23.41 -12.91
N CYS A 213 9.96 22.79 -12.71
CA CYS A 213 10.42 22.58 -11.33
C CYS A 213 10.64 23.91 -10.62
N LYS A 214 11.22 24.89 -11.32
CA LYS A 214 11.42 26.21 -10.74
C LYS A 214 10.09 26.84 -10.32
N ARG A 215 9.11 26.87 -11.23
CA ARG A 215 7.81 27.45 -10.89
C ARG A 215 7.12 26.66 -9.77
N ALA A 216 7.28 25.34 -9.76
CA ALA A 216 6.65 24.55 -8.71
C ALA A 216 7.22 24.93 -7.34
N CYS A 217 8.55 25.08 -7.27
CA CYS A 217 9.17 25.52 -6.02
C CYS A 217 8.65 26.89 -5.60
N GLN A 218 8.54 27.81 -6.56
CA GLN A 218 8.10 29.16 -6.25
C GLN A 218 6.68 29.17 -5.70
N LYS A 219 5.80 28.33 -6.27
CA LYS A 219 4.44 28.25 -5.74
C LYS A 219 4.41 27.70 -4.32
N ALA A 220 5.23 26.69 -4.04
CA ALA A 220 5.27 26.14 -2.69
C ALA A 220 5.78 27.16 -1.69
N ILE A 221 6.86 27.88 -2.06
CA ILE A 221 7.43 28.86 -1.13
C ILE A 221 6.46 29.99 -0.88
N GLU A 222 5.79 30.47 -1.94
CA GLU A 222 4.81 31.54 -1.77
C GLU A 222 3.67 31.11 -0.86
N LYS A 223 3.25 29.86 -0.98
CA LYS A 223 2.24 29.34 -0.05
C LYS A 223 2.76 29.39 1.38
N LEU A 224 3.98 28.89 1.60
CA LEU A 224 4.56 28.92 2.94
C LEU A 224 4.66 30.34 3.47
N GLN A 225 5.08 31.27 2.61
CA GLN A 225 5.26 32.65 3.05
C GLN A 225 3.92 33.31 3.34
N ALA A 226 2.83 32.82 2.75
CA ALA A 226 1.48 33.27 3.05
C ALA A 226 0.90 32.58 4.28
N GLY A 227 1.67 31.72 4.95
CA GLY A 227 1.23 31.06 6.15
C GLY A 227 0.50 29.76 5.95
N ALA A 228 0.56 29.17 4.76
CA ALA A 228 -0.20 27.97 4.48
C ALA A 228 0.43 26.75 5.15
N LEU A 229 -0.40 25.73 5.35
CA LEU A 229 0.07 24.45 5.86
C LEU A 229 1.04 23.81 4.86
N ALA A 230 1.92 22.95 5.39
CA ALA A 230 2.85 22.25 4.53
C ALA A 230 2.11 21.43 3.46
N THR A 231 0.97 20.82 3.81
CA THR A 231 0.21 20.07 2.81
C THR A 231 -0.34 20.97 1.71
N ASP A 232 -0.77 22.19 2.06
CA ASP A 232 -1.22 23.10 1.00
C ASP A 232 -0.07 23.57 0.13
N ALA A 233 1.12 23.78 0.72
CA ALA A 233 2.27 24.18 -0.09
C ALA A 233 2.74 23.05 -1.01
N VAL A 234 2.79 21.81 -0.51
CA VAL A 234 3.23 20.72 -1.37
C VAL A 234 2.20 20.46 -2.48
N THR A 235 0.91 20.67 -2.19
CA THR A 235 -0.11 20.51 -3.22
C THR A 235 0.06 21.56 -4.31
N ALA A 236 0.39 22.80 -3.92
CA ALA A 236 0.56 23.85 -4.92
C ALA A 236 1.75 23.54 -5.83
N ALA A 237 2.80 22.91 -5.30
CA ALA A 237 3.90 22.48 -6.15
C ALA A 237 3.45 21.45 -7.16
N LEU A 238 2.67 20.46 -6.70
CA LEU A 238 2.27 19.38 -7.60
C LEU A 238 1.28 19.86 -8.66
N VAL A 239 0.41 20.80 -8.30
CA VAL A 239 -0.51 21.38 -9.28
C VAL A 239 0.27 21.94 -10.47
N GLU A 240 1.30 22.73 -10.17
CA GLU A 240 2.15 23.28 -11.23
CA GLU A 240 2.15 23.29 -11.22
C GLU A 240 2.85 22.19 -12.02
N LEU A 241 3.35 21.16 -11.32
CA LEU A 241 4.04 20.07 -12.03
C LEU A 241 3.09 19.27 -12.89
N GLU A 242 1.88 18.98 -12.38
CA GLU A 242 0.86 18.28 -13.16
C GLU A 242 0.52 19.05 -14.43
N ASP A 243 0.36 20.37 -14.31
CA ASP A 243 -0.14 21.21 -15.40
C ASP A 243 0.84 21.29 -16.56
N SER A 244 2.07 20.87 -16.37
CA SER A 244 3.00 20.91 -17.49
C SER A 244 2.59 19.85 -18.50
N PRO A 245 2.37 20.21 -19.77
CA PRO A 245 2.04 19.17 -20.76
C PRO A 245 3.14 18.13 -20.96
N PHE A 246 4.35 18.40 -20.47
CA PHE A 246 5.48 17.49 -20.65
C PHE A 246 5.61 16.43 -19.56
N THR A 247 4.87 16.54 -18.46
CA THR A 247 4.97 15.55 -17.38
C THR A 247 3.88 14.50 -17.49
N ASN A 248 4.22 13.26 -17.14
CA ASN A 248 3.25 12.16 -17.08
C ASN A 248 2.48 12.23 -15.77
N ALA A 249 1.65 13.26 -15.66
CA ALA A 249 0.78 13.49 -14.52
C ALA A 249 -0.18 14.60 -14.89
N GLY A 250 -1.38 14.56 -14.35
CA GLY A 250 -2.40 15.53 -14.72
C GLY A 250 -2.50 15.67 -16.23
N MET A 251 -2.47 16.91 -16.72
CA MET A 251 -2.56 17.17 -18.15
C MET A 251 -1.33 16.62 -18.88
N GLY A 252 -1.56 15.88 -19.97
CA GLY A 252 -0.49 15.23 -20.70
C GLY A 252 -0.12 13.84 -20.19
N SER A 253 -0.86 13.31 -19.22
CA SER A 253 -0.67 11.94 -18.74
C SER A 253 -0.72 10.95 -19.90
N ASN A 254 0.08 9.88 -19.80
CA ASN A 254 0.03 8.81 -20.79
C ASN A 254 -1.38 8.27 -20.96
N LEU A 255 -1.73 7.94 -22.20
CA LEU A 255 -3.04 7.33 -22.46
C LEU A 255 -2.99 5.84 -22.18
N ASN A 256 -4.10 5.29 -21.68
CA ASN A 256 -4.14 3.87 -21.36
C ASN A 256 -4.48 3.07 -22.62
N LEU A 257 -4.73 1.77 -22.48
CA LEU A 257 -4.96 0.90 -23.62
C LEU A 257 -6.17 1.34 -24.45
N LEU A 258 -7.12 2.04 -23.84
CA LEU A 258 -8.29 2.54 -24.53
C LEU A 258 -8.15 3.98 -24.97
N GLY A 259 -6.92 4.52 -24.95
CA GLY A 259 -6.73 5.89 -25.35
C GLY A 259 -7.26 6.89 -24.36
N GLU A 260 -7.39 6.51 -23.08
CA GLU A 260 -8.02 7.34 -22.06
C GLU A 260 -7.05 7.62 -20.92
N ILE A 261 -7.40 8.67 -20.16
CA ILE A 261 -6.57 9.18 -19.07
C ILE A 261 -7.02 8.55 -17.76
N GLU A 262 -6.08 7.97 -17.00
CA GLU A 262 -6.39 7.50 -15.65
C GLU A 262 -5.24 7.85 -14.73
N CYS A 263 -5.49 8.70 -13.75
CA CYS A 263 -4.45 9.28 -12.91
C CYS A 263 -4.45 8.71 -11.50
N ASP A 264 -3.25 8.62 -10.95
CA ASP A 264 -2.97 8.24 -9.56
C ASP A 264 -2.28 9.40 -8.85
N ALA A 265 -2.65 9.66 -7.60
CA ALA A 265 -1.97 10.72 -6.85
C ALA A 265 -2.23 10.48 -5.37
N SER A 266 -1.31 10.97 -4.54
CA SER A 266 -1.46 10.81 -3.10
C SER A 266 -0.63 11.86 -2.38
N ILE A 267 -0.96 12.06 -1.12
CA ILE A 267 -0.34 13.07 -0.28
C ILE A 267 -0.39 12.60 1.15
N MET A 268 0.64 12.96 1.93
CA MET A 268 0.70 12.61 3.34
C MET A 268 1.18 13.80 4.16
N ASP A 269 0.59 13.96 5.35
CA ASP A 269 0.93 15.04 6.27
C ASP A 269 1.77 14.49 7.43
N GLY A 270 2.96 15.05 7.63
CA GLY A 270 3.84 14.51 8.66
C GLY A 270 3.35 14.74 10.07
N LYS A 271 2.59 15.82 10.30
CA LYS A 271 2.13 16.18 11.63
C LYS A 271 0.99 15.27 12.10
N SER A 272 -0.05 15.17 11.29
CA SER A 272 -1.20 14.35 11.62
C SER A 272 -1.05 12.89 11.19
N LEU A 273 -0.06 12.59 10.36
CA LEU A 273 0.13 11.28 9.71
C LEU A 273 -1.05 10.89 8.82
N ASN A 274 -1.96 11.81 8.55
CA ASN A 274 -3.09 11.52 7.66
C ASN A 274 -2.63 11.50 6.21
N PHE A 275 -3.46 10.88 5.38
CA PHE A 275 -3.13 10.47 4.03
C PHE A 275 -4.36 10.59 3.14
N GLY A 276 -4.16 11.01 1.90
CA GLY A 276 -5.23 11.02 0.92
C GLY A 276 -4.70 10.53 -0.41
N ALA A 277 -5.57 9.85 -1.18
CA ALA A 277 -5.08 9.27 -2.42
C ALA A 277 -6.22 9.05 -3.38
N VAL A 278 -5.91 9.12 -4.68
CA VAL A 278 -6.84 8.77 -5.74
C VAL A 278 -6.16 7.82 -6.72
N GLY A 279 -6.93 6.90 -7.27
CA GLY A 279 -6.43 6.01 -8.30
C GLY A 279 -7.40 5.93 -9.46
N ALA A 280 -6.85 5.68 -10.65
CA ALA A 280 -7.64 5.53 -11.88
C ALA A 280 -8.66 6.65 -12.02
N LEU A 281 -8.23 7.88 -11.73
CA LEU A 281 -9.12 9.03 -11.78
C LEU A 281 -9.09 9.66 -13.17
N SER A 282 -10.26 9.86 -13.75
CA SER A 282 -10.36 10.56 -15.01
C SER A 282 -11.29 11.76 -14.88
N GLY A 283 -11.03 12.78 -15.70
CA GLY A 283 -11.91 13.95 -15.77
C GLY A 283 -11.62 15.03 -14.77
N ILE A 284 -10.53 14.94 -14.00
CA ILE A 284 -10.16 15.97 -13.04
C ILE A 284 -8.80 16.54 -13.45
N LYS A 285 -8.72 17.86 -13.55
CA LYS A 285 -7.50 18.50 -14.05
C LYS A 285 -6.30 18.22 -13.16
N ASN A 286 -6.47 18.32 -11.85
CA ASN A 286 -5.38 18.20 -10.90
C ASN A 286 -5.68 17.08 -9.90
N PRO A 287 -5.28 15.84 -10.22
CA PRO A 287 -5.54 14.72 -9.27
C PRO A 287 -5.04 14.99 -7.86
N VAL A 288 -3.87 15.63 -7.70
CA VAL A 288 -3.37 15.92 -6.35
C VAL A 288 -4.35 16.76 -5.54
N SER A 289 -5.13 17.64 -6.19
CA SER A 289 -6.11 18.44 -5.46
C SER A 289 -7.17 17.56 -4.79
N VAL A 290 -7.56 16.47 -5.45
CA VAL A 290 -8.53 15.58 -4.82
C VAL A 290 -7.87 14.82 -3.66
N ALA A 291 -6.65 14.33 -3.86
CA ALA A 291 -5.96 13.67 -2.74
C ALA A 291 -5.83 14.62 -1.55
N ASN A 292 -5.46 15.87 -1.80
CA ASN A 292 -5.30 16.82 -0.70
C ASN A 292 -6.63 17.10 -0.01
N ARG A 293 -7.70 17.20 -0.79
CA ARG A 293 -9.01 17.46 -0.21
C ARG A 293 -9.48 16.29 0.64
N LEU A 294 -9.19 15.06 0.18
CA LEU A 294 -9.48 13.89 1.02
C LEU A 294 -8.72 13.96 2.33
N LEU A 295 -7.44 14.33 2.27
CA LEU A 295 -6.65 14.48 3.48
C LEU A 295 -7.24 15.57 4.37
N CYS A 296 -7.57 16.71 3.76
CA CYS A 296 -8.14 17.84 4.49
C CYS A 296 -9.45 17.47 5.17
N GLU A 297 -10.39 16.88 4.41
CA GLU A 297 -11.68 16.50 5.01
C GLU A 297 -11.48 15.45 6.09
N GLY A 298 -10.46 14.59 5.94
CA GLY A 298 -10.13 13.64 6.98
C GLY A 298 -9.71 14.26 8.30
N GLN A 299 -9.06 15.43 8.26
CA GLN A 299 -8.68 16.10 9.50
C GLN A 299 -9.90 16.67 10.21
N LYS A 300 -10.83 17.25 9.45
CA LYS A 300 -12.02 17.89 10.01
C LYS A 300 -12.98 16.86 10.60
N ILE A 308 -15.48 6.88 9.94
CA ILE A 308 -14.15 7.02 9.39
C ILE A 308 -14.21 7.64 7.98
N PRO A 309 -13.58 8.80 7.80
CA PRO A 309 -13.56 9.42 6.47
C PRO A 309 -12.73 8.59 5.52
N PRO A 310 -13.02 8.65 4.22
CA PRO A 310 -12.19 7.90 3.26
C PRO A 310 -10.82 8.54 3.10
N CYS A 311 -9.82 7.71 2.89
CA CYS A 311 -8.54 8.26 2.48
C CYS A 311 -8.16 7.89 1.06
N PHE A 312 -8.82 6.92 0.43
CA PHE A 312 -8.42 6.40 -0.88
C PHE A 312 -9.68 6.15 -1.72
N LEU A 313 -9.91 6.96 -2.75
CA LEU A 313 -11.01 6.76 -3.69
C LEU A 313 -10.47 6.48 -5.10
N VAL A 314 -11.17 5.65 -5.86
CA VAL A 314 -10.76 5.31 -7.22
C VAL A 314 -11.91 5.48 -8.20
N GLY A 315 -11.56 5.64 -9.47
CA GLY A 315 -12.51 5.45 -10.54
C GLY A 315 -13.68 6.43 -10.51
N GLU A 316 -14.87 5.92 -10.81
CA GLU A 316 -16.07 6.75 -10.92
C GLU A 316 -16.40 7.45 -9.60
N GLY A 317 -16.31 6.72 -8.49
CA GLY A 317 -16.60 7.32 -7.19
C GLY A 317 -15.66 8.46 -6.85
N ALA A 318 -14.37 8.31 -7.20
CA ALA A 318 -13.43 9.38 -6.94
C ALA A 318 -13.80 10.65 -7.72
N TYR A 319 -14.19 10.49 -8.97
CA TYR A 319 -14.61 11.64 -9.78
C TYR A 319 -15.83 12.33 -9.15
N ARG A 320 -16.87 11.55 -8.84
CA ARG A 320 -18.10 12.11 -8.28
C ARG A 320 -17.83 12.83 -6.97
N TRP A 321 -16.96 12.25 -6.12
CA TRP A 321 -16.58 12.90 -4.86
C TRP A 321 -15.86 14.23 -5.13
N ALA A 322 -14.94 14.26 -6.10
CA ALA A 322 -14.25 15.49 -6.44
C ALA A 322 -15.24 16.58 -6.89
N VAL A 323 -16.16 16.22 -7.78
CA VAL A 323 -17.14 17.19 -8.27
C VAL A 323 -18.00 17.70 -7.11
N ASP A 324 -18.44 16.79 -6.22
CA ASP A 324 -19.29 17.21 -5.11
C ASP A 324 -18.56 18.13 -4.14
N HIS A 325 -17.24 18.12 -4.12
CA HIS A 325 -16.46 19.01 -3.26
C HIS A 325 -15.94 20.24 -3.99
N GLY A 326 -16.36 20.45 -5.24
CA GLY A 326 -16.02 21.68 -5.93
C GLY A 326 -14.61 21.72 -6.49
N ILE A 327 -13.99 20.58 -6.72
CA ILE A 327 -12.68 20.55 -7.37
C ILE A 327 -12.88 20.65 -8.88
N PRO A 328 -12.17 21.55 -9.57
CA PRO A 328 -12.46 21.77 -10.99
C PRO A 328 -12.35 20.47 -11.79
N SER A 329 -13.40 20.21 -12.56
CA SER A 329 -13.52 19.02 -13.39
C SER A 329 -13.51 19.38 -14.87
N CYS A 330 -13.23 18.36 -15.70
CA CYS A 330 -13.51 18.42 -17.13
C CYS A 330 -14.33 17.18 -17.45
N PRO A 331 -15.66 17.29 -17.45
CA PRO A 331 -16.49 16.10 -17.73
C PRO A 331 -16.23 15.47 -19.09
N LEU A 332 -15.72 16.24 -20.06
CA LEU A 332 -15.40 15.68 -21.35
C LEU A 332 -14.18 14.77 -21.31
N GLU A 333 -13.33 14.90 -20.30
CA GLU A 333 -12.22 13.97 -20.08
C GLU A 333 -12.61 12.78 -19.22
N HIS A 334 -13.83 12.76 -18.67
CA HIS A 334 -14.26 11.70 -17.77
C HIS A 334 -14.93 10.57 -18.55
N HIS A 335 -14.57 9.33 -18.22
CA HIS A 335 -15.21 8.16 -18.80
C HIS A 335 -15.81 7.31 -17.69
N HIS A 336 -16.89 6.60 -18.04
CA HIS A 336 -17.63 5.73 -17.11
C HIS A 336 -18.30 4.66 -17.96
N HIS A 337 -17.57 3.55 -18.16
CA HIS A 337 -18.04 2.50 -19.05
C HIS A 337 -18.93 1.50 -18.31
N HIS A 338 -19.79 0.83 -19.06
CA HIS A 338 -20.69 -0.18 -18.51
C HIS A 338 -20.71 -1.42 -19.40
N THR B 2 -14.96 -8.91 6.27
CA THR B 2 -13.65 -9.36 5.79
C THR B 2 -13.38 -10.81 6.14
N VAL B 3 -12.82 -11.55 5.18
CA VAL B 3 -12.45 -12.95 5.37
C VAL B 3 -11.01 -13.11 4.91
N GLY B 4 -10.32 -14.11 5.46
CA GLY B 4 -8.95 -14.31 5.03
C GLY B 4 -8.48 -15.73 5.27
N ALA B 5 -7.33 -16.05 4.68
CA ALA B 5 -6.75 -17.37 4.85
C ALA B 5 -5.25 -17.27 4.66
N VAL B 6 -4.53 -18.19 5.32
CA VAL B 6 -3.10 -18.37 5.14
C VAL B 6 -2.83 -19.88 5.00
N VAL B 7 -1.85 -20.23 4.16
CA VAL B 7 -1.55 -21.62 3.82
CA VAL B 7 -1.54 -21.62 3.88
C VAL B 7 -0.05 -21.84 3.84
N VAL B 8 0.37 -23.04 4.24
CA VAL B 8 1.73 -23.52 4.01
C VAL B 8 1.61 -24.87 3.33
N ASP B 9 2.38 -25.09 2.26
CA ASP B 9 2.35 -26.39 1.61
C ASP B 9 3.39 -27.32 2.24
N HIS B 10 3.48 -28.55 1.72
CA HIS B 10 4.37 -29.55 2.33
C HIS B 10 5.84 -29.19 2.18
N GLU B 11 6.16 -28.22 1.34
CA GLU B 11 7.54 -27.78 1.15
C GLU B 11 7.90 -26.58 2.00
N GLY B 12 6.95 -26.02 2.74
CA GLY B 12 7.19 -24.79 3.46
C GLY B 12 6.94 -23.51 2.68
N ASN B 13 6.38 -23.60 1.47
CA ASN B 13 5.92 -22.42 0.73
C ASN B 13 4.63 -21.92 1.35
N VAL B 14 4.54 -20.62 1.58
CA VAL B 14 3.37 -20.03 2.22
C VAL B 14 2.63 -19.12 1.25
N ALA B 15 1.36 -18.89 1.56
CA ALA B 15 0.55 -17.92 0.81
C ALA B 15 -0.49 -17.34 1.75
N ALA B 16 -1.00 -16.15 1.39
CA ALA B 16 -2.01 -15.45 2.17
C ALA B 16 -2.94 -14.70 1.24
N ALA B 17 -4.18 -14.55 1.67
CA ALA B 17 -5.18 -13.80 0.91
C ALA B 17 -6.19 -13.18 1.85
N VAL B 18 -6.91 -12.20 1.32
CA VAL B 18 -7.89 -11.43 2.08
C VAL B 18 -8.92 -10.92 1.09
N SER B 19 -10.17 -10.80 1.56
CA SER B 19 -11.27 -10.35 0.72
C SER B 19 -12.33 -9.66 1.60
N SER B 20 -12.89 -8.55 1.10
CA SER B 20 -13.82 -7.77 1.90
C SER B 20 -14.82 -7.01 1.04
N GLY B 21 -15.99 -6.75 1.63
CA GLY B 21 -16.95 -5.82 1.08
C GLY B 21 -16.74 -4.41 1.52
N GLY B 22 -15.86 -4.21 2.51
CA GLY B 22 -15.55 -2.89 2.99
C GLY B 22 -16.64 -2.36 3.90
N LEU B 23 -16.56 -1.05 4.15
CA LEU B 23 -17.45 -0.37 5.09
C LEU B 23 -18.87 -0.26 4.53
N ALA B 24 -19.86 -0.59 5.37
CA ALA B 24 -21.24 -0.38 4.96
C ALA B 24 -21.47 1.12 4.69
N LEU B 25 -22.20 1.42 3.62
CA LEU B 25 -22.57 2.78 3.21
C LEU B 25 -21.38 3.64 2.82
N LYS B 26 -20.23 3.04 2.54
CA LYS B 26 -19.09 3.82 2.12
C LYS B 26 -19.40 4.56 0.83
N HIS B 27 -18.73 5.68 0.64
CA HIS B 27 -18.84 6.38 -0.63
C HIS B 27 -18.37 5.47 -1.76
N PRO B 28 -19.04 5.49 -2.91
CA PRO B 28 -18.59 4.69 -4.05
C PRO B 28 -17.12 4.93 -4.36
N GLY B 29 -16.41 3.84 -4.68
CA GLY B 29 -15.00 3.93 -5.00
C GLY B 29 -14.07 3.94 -3.81
N ARG B 30 -14.58 3.89 -2.58
CA ARG B 30 -13.68 3.80 -1.42
C ARG B 30 -13.03 2.43 -1.41
N VAL B 31 -11.71 2.40 -1.43
CA VAL B 31 -10.95 1.15 -1.40
C VAL B 31 -10.24 1.07 -0.06
N GLY B 32 -10.35 -0.09 0.60
CA GLY B 32 -9.80 -0.27 1.92
C GLY B 32 -8.61 -1.23 1.95
N GLN B 33 -8.25 -1.62 3.15
CA GLN B 33 -6.99 -2.33 3.38
C GLN B 33 -6.91 -3.66 2.64
N ALA B 34 -8.04 -4.31 2.36
CA ALA B 34 -7.98 -5.65 1.76
C ALA B 34 -7.44 -5.62 0.34
N ALA B 35 -7.35 -4.46 -0.29
CA ALA B 35 -6.80 -4.35 -1.63
C ALA B 35 -5.36 -3.85 -1.66
N LEU B 36 -4.80 -3.42 -0.52
CA LEU B 36 -3.60 -2.61 -0.51
C LEU B 36 -2.39 -3.46 -0.15
N TYR B 37 -1.40 -3.49 -1.03
CA TYR B 37 -0.14 -4.20 -0.82
C TYR B 37 0.43 -3.89 0.56
N GLY B 38 0.82 -4.94 1.28
CA GLY B 38 1.40 -4.80 2.59
C GLY B 38 0.41 -4.64 3.72
N CYS B 39 -0.82 -4.21 3.42
CA CYS B 39 -1.78 -3.89 4.47
C CYS B 39 -2.74 -5.04 4.75
N GLY B 40 -3.39 -5.56 3.71
CA GLY B 40 -4.41 -6.58 3.89
C GLY B 40 -3.86 -7.97 4.11
N CYS B 41 -2.81 -8.37 3.38
CA CYS B 41 -2.20 -9.68 3.57
C CYS B 41 -0.73 -9.60 3.23
N TRP B 42 0.02 -10.64 3.61
CA TRP B 42 1.45 -10.70 3.33
C TRP B 42 1.91 -12.15 3.38
N ALA B 43 2.80 -12.52 2.45
CA ALA B 43 3.38 -13.86 2.49
C ALA B 43 4.82 -13.77 1.98
N GLU B 44 5.74 -14.38 2.74
CA GLU B 44 7.16 -14.24 2.42
C GLU B 44 7.89 -15.49 2.91
N ASN B 45 8.45 -16.26 1.97
CA ASN B 45 9.21 -17.45 2.37
C ASN B 45 10.45 -17.04 3.15
N THR B 46 11.01 -18.01 3.86
CA THR B 46 12.27 -17.77 4.56
C THR B 46 13.32 -17.29 3.55
N GLY B 47 14.10 -16.31 3.98
CA GLY B 47 15.14 -15.75 3.13
C GLY B 47 16.32 -15.21 3.92
N ALA B 48 17.10 -14.32 3.32
CA ALA B 48 18.33 -13.82 3.95
C ALA B 48 18.05 -13.24 5.33
N HIS B 49 17.25 -12.18 5.40
CA HIS B 49 16.89 -11.55 6.67
C HIS B 49 15.47 -11.92 7.09
N ASN B 50 15.22 -13.23 7.17
CA ASN B 50 13.86 -13.73 7.35
C ASN B 50 13.90 -15.21 7.64
N PRO B 51 14.16 -15.65 8.89
CA PRO B 51 14.33 -17.09 9.13
C PRO B 51 13.04 -17.90 9.06
N TYR B 52 11.88 -17.28 9.11
CA TYR B 52 10.62 -18.00 9.05
C TYR B 52 9.89 -17.66 7.76
N SER B 53 9.27 -18.66 7.15
CA SER B 53 8.30 -18.40 6.11
C SER B 53 7.02 -17.96 6.80
N THR B 54 6.51 -16.77 6.46
CA THR B 54 5.43 -16.16 7.23
CA THR B 54 5.43 -16.15 7.23
C THR B 54 4.31 -15.73 6.30
N ALA B 55 3.08 -15.86 6.79
CA ALA B 55 1.90 -15.50 6.04
C ALA B 55 0.93 -14.86 7.00
N VAL B 56 0.34 -13.73 6.60
CA VAL B 56 -0.54 -12.94 7.46
C VAL B 56 -1.73 -12.48 6.64
N SER B 57 -2.93 -12.55 7.23
CA SER B 57 -4.13 -11.95 6.67
C SER B 57 -4.80 -11.17 7.78
N THR B 58 -5.31 -9.97 7.45
CA THR B 58 -5.81 -9.05 8.47
C THR B 58 -7.30 -8.79 8.26
N SER B 59 -7.96 -8.33 9.31
CA SER B 59 -9.35 -7.92 9.19
C SER B 59 -9.62 -6.71 10.06
N GLY B 60 -10.71 -6.02 9.75
CA GLY B 60 -11.19 -4.98 10.61
C GLY B 60 -11.72 -3.82 9.80
N CYS B 61 -11.75 -2.66 10.46
CA CYS B 61 -12.25 -1.42 9.89
C CYS B 61 -11.80 -0.28 10.77
N GLY B 62 -11.56 0.87 10.14
CA GLY B 62 -10.96 1.97 10.86
C GLY B 62 -9.99 2.75 10.00
N GLU B 63 -9.34 2.05 9.06
CA GLU B 63 -8.18 2.47 8.27
C GLU B 63 -6.90 2.19 9.04
N HIS B 64 -7.00 1.86 10.33
CA HIS B 64 -5.84 1.51 11.14
C HIS B 64 -5.05 0.34 10.57
N LEU B 65 -5.70 -0.54 9.80
CA LEU B 65 -4.96 -1.59 9.11
C LEU B 65 -4.11 -1.01 7.98
N VAL B 66 -4.63 0.01 7.28
CA VAL B 66 -3.83 0.72 6.30
C VAL B 66 -2.70 1.49 6.99
N ARG B 67 -3.07 2.37 7.93
CA ARG B 67 -2.15 3.36 8.50
C ARG B 67 -0.88 2.74 9.04
N THR B 68 -0.95 1.49 9.48
CA THR B 68 0.20 0.84 10.08
C THR B 68 0.85 -0.18 9.16
N ILE B 69 0.36 -0.34 7.93
CA ILE B 69 0.80 -1.39 6.98
C ILE B 69 0.85 -2.70 7.74
N LEU B 70 -0.32 -3.15 8.18
CA LEU B 70 -0.39 -4.06 9.32
C LEU B 70 0.13 -5.44 8.96
N ALA B 71 -0.30 -6.04 7.84
CA ALA B 71 0.09 -7.42 7.58
C ALA B 71 1.60 -7.55 7.47
N ARG B 72 2.23 -6.64 6.73
CA ARG B 72 3.68 -6.66 6.60
C ARG B 72 4.36 -6.41 7.94
N GLU B 73 3.81 -5.49 8.74
CA GLU B 73 4.33 -5.24 10.08
C GLU B 73 4.32 -6.51 10.93
N CYS B 74 3.21 -7.25 10.88
CA CYS B 74 3.11 -8.49 11.65
C CYS B 74 4.12 -9.51 11.16
N SER B 75 4.24 -9.66 9.83
CA SER B 75 5.19 -10.60 9.26
C SER B 75 6.61 -10.29 9.71
N HIS B 76 6.98 -9.00 9.72
CA HIS B 76 8.31 -8.64 10.17
C HIS B 76 8.47 -8.90 11.66
N ALA B 77 7.44 -8.61 12.47
CA ALA B 77 7.58 -8.85 13.91
C ALA B 77 7.70 -10.34 14.22
N LEU B 78 7.04 -11.20 13.43
CA LEU B 78 7.11 -12.64 13.63
C LEU B 78 8.47 -13.23 13.31
N GLN B 79 9.46 -12.43 12.93
CA GLN B 79 10.81 -12.98 12.85
C GLN B 79 11.47 -13.08 14.22
N ALA B 80 10.88 -12.48 15.26
CA ALA B 80 11.43 -12.64 16.60
C ALA B 80 11.23 -14.07 17.09
N GLU B 81 11.99 -14.44 18.12
CA GLU B 81 12.00 -15.81 18.61
C GLU B 81 10.62 -16.24 19.11
N ASP B 82 10.03 -15.45 20.01
CA ASP B 82 8.75 -15.77 20.63
C ASP B 82 7.62 -15.17 19.78
N ALA B 83 6.91 -16.02 19.04
CA ALA B 83 5.90 -15.52 18.10
C ALA B 83 4.70 -14.93 18.82
N HIS B 84 4.23 -15.63 19.86
CA HIS B 84 3.12 -15.13 20.66
C HIS B 84 3.40 -13.71 21.18
N GLN B 85 4.55 -13.53 21.81
CA GLN B 85 4.95 -12.23 22.32
C GLN B 85 5.07 -11.19 21.20
N ALA B 86 5.64 -11.59 20.06
CA ALA B 86 5.80 -10.67 18.94
C ALA B 86 4.45 -10.19 18.42
N LEU B 87 3.51 -11.11 18.25
CA LEU B 87 2.20 -10.71 17.74
C LEU B 87 1.48 -9.84 18.75
N LEU B 88 1.53 -10.22 20.03
CA LEU B 88 0.86 -9.45 21.08
C LEU B 88 1.42 -8.03 21.15
N GLU B 89 2.75 -7.88 21.12
CA GLU B 89 3.34 -6.56 21.17
C GLU B 89 2.89 -5.70 19.99
N THR B 90 2.82 -6.31 18.81
CA THR B 90 2.38 -5.59 17.62
C THR B 90 0.93 -5.14 17.75
N MET B 91 0.04 -6.06 18.17
CA MET B 91 -1.36 -5.71 18.37
C MET B 91 -1.49 -4.62 19.43
N GLN B 92 -0.69 -4.72 20.50
CA GLN B 92 -0.77 -3.74 21.58
C GLN B 92 -0.27 -2.38 21.12
N ASN B 93 0.79 -2.35 20.35
CA ASN B 93 1.34 -1.06 19.96
C ASN B 93 0.48 -0.41 18.88
N LYS B 94 0.01 -1.19 17.90
CA LYS B 94 -0.74 -0.57 16.81
C LYS B 94 -2.24 -0.43 17.07
N PHE B 95 -2.85 -1.33 17.83
CA PHE B 95 -4.31 -1.25 18.02
C PHE B 95 -4.68 -0.62 19.34
N ILE B 96 -3.73 0.05 20.00
CA ILE B 96 -4.00 0.74 21.26
C ILE B 96 -3.13 1.99 21.32
N SER B 97 -1.83 1.84 21.07
CA SER B 97 -0.85 2.89 21.28
C SER B 97 -0.21 3.45 20.01
N SER B 98 -0.75 3.15 18.83
CA SER B 98 -0.10 3.61 17.60
C SER B 98 -0.20 5.13 17.46
N PRO B 99 0.87 5.80 17.02
CA PRO B 99 0.74 7.23 16.67
C PRO B 99 -0.11 7.46 15.44
N PHE B 100 -0.22 6.48 14.55
CA PHE B 100 -0.96 6.61 13.30
C PHE B 100 -2.47 6.63 13.47
N GLU B 104 -7.79 8.46 17.94
CA GLU B 104 -8.99 7.62 17.85
C GLU B 104 -9.26 6.91 19.17
N ASP B 105 -10.54 6.82 19.53
CA ASP B 105 -10.95 6.08 20.73
C ASP B 105 -11.24 4.64 20.33
N GLY B 106 -10.25 3.77 20.50
CA GLY B 106 -10.40 2.36 20.20
C GLY B 106 -10.09 1.98 18.76
N VAL B 107 -9.36 0.90 18.57
CA VAL B 107 -8.96 0.43 17.24
C VAL B 107 -9.39 -1.03 17.10
N LEU B 108 -10.22 -1.30 16.09
CA LEU B 108 -10.89 -2.59 15.95
C LEU B 108 -10.33 -3.32 14.74
N GLY B 109 -9.85 -4.54 14.96
CA GLY B 109 -9.33 -5.33 13.87
C GLY B 109 -8.92 -6.71 14.37
N GLY B 110 -8.43 -7.52 13.43
CA GLY B 110 -7.96 -8.85 13.74
C GLY B 110 -6.95 -9.31 12.72
N VAL B 111 -6.19 -10.35 13.08
CA VAL B 111 -5.19 -10.94 12.19
C VAL B 111 -5.16 -12.44 12.40
N ILE B 112 -4.88 -13.19 11.32
CA ILE B 112 -4.43 -14.58 11.43
C ILE B 112 -3.03 -14.65 10.85
N VAL B 113 -2.17 -15.47 11.46
CA VAL B 113 -0.79 -15.60 11.00
C VAL B 113 -0.40 -17.07 11.09
N LEU B 114 0.56 -17.45 10.26
CA LEU B 114 1.33 -18.66 10.50
C LEU B 114 2.78 -18.36 10.16
N ARG B 115 3.68 -19.12 10.77
CA ARG B 115 5.06 -19.12 10.36
C ARG B 115 5.58 -20.55 10.44
N SER B 116 6.38 -20.94 9.45
CA SER B 116 6.94 -22.29 9.41
C SER B 116 8.45 -22.21 9.29
N CYS B 117 9.10 -23.30 9.70
CA CYS B 117 10.53 -23.46 9.45
C CYS B 117 10.84 -24.95 9.30
N ARG B 118 11.90 -25.24 8.55
CA ARG B 118 12.40 -26.59 8.39
C ARG B 118 13.14 -26.99 9.65
N CYS B 119 12.83 -28.17 10.17
CA CYS B 119 13.55 -28.73 11.31
C CYS B 119 14.51 -29.82 10.84
N GLN B 130 13.24 -34.52 7.17
CA GLN B 130 12.62 -33.28 6.71
C GLN B 130 11.23 -33.08 7.33
N THR B 131 11.13 -32.15 8.26
CA THR B 131 9.88 -31.87 8.94
C THR B 131 9.65 -30.36 9.01
N LEU B 132 8.38 -29.97 9.09
CA LEU B 132 7.99 -28.57 9.10
C LEU B 132 7.29 -28.28 10.41
N LEU B 133 7.78 -27.27 11.12
CA LEU B 133 7.17 -26.78 12.35
C LEU B 133 6.37 -25.53 12.00
N VAL B 134 5.05 -25.63 12.10
CA VAL B 134 4.15 -24.52 11.75
C VAL B 134 3.52 -23.99 13.03
N GLU B 135 3.81 -22.72 13.35
CA GLU B 135 3.12 -22.05 14.44
CA GLU B 135 3.15 -22.02 14.44
C GLU B 135 2.07 -21.11 13.86
N PHE B 136 0.85 -21.22 14.36
CA PHE B 136 -0.26 -20.44 13.82
C PHE B 136 -0.96 -19.72 14.96
N LEU B 137 -1.40 -18.49 14.71
CA LEU B 137 -2.05 -17.68 15.75
C LEU B 137 -3.13 -16.82 15.14
N TRP B 138 -4.09 -16.44 15.99
CA TRP B 138 -5.04 -15.39 15.64
C TRP B 138 -5.12 -14.41 16.79
N SER B 139 -5.47 -13.18 16.47
CA SER B 139 -5.52 -12.13 17.47
C SER B 139 -6.50 -11.06 17.02
N HIS B 140 -7.24 -10.48 17.97
CA HIS B 140 -8.24 -9.50 17.59
C HIS B 140 -8.53 -8.59 18.77
N THR B 141 -8.88 -7.34 18.45
CA THR B 141 -9.38 -6.41 19.45
C THR B 141 -10.88 -6.23 19.36
N THR B 142 -11.50 -6.90 18.39
CA THR B 142 -12.95 -6.94 18.29
C THR B 142 -13.50 -7.90 19.36
N GLU B 143 -14.81 -7.81 19.59
CA GLU B 143 -15.48 -8.70 20.54
C GLU B 143 -15.20 -10.16 20.20
N SER B 144 -15.28 -10.52 18.92
CA SER B 144 -15.12 -11.91 18.54
C SER B 144 -14.48 -12.02 17.17
N MET B 145 -14.01 -13.24 16.87
CA MET B 145 -13.42 -13.58 15.60
C MET B 145 -13.60 -15.08 15.41
N CYS B 146 -14.10 -15.48 14.24
CA CYS B 146 -14.26 -16.90 13.94
C CYS B 146 -13.11 -17.37 13.07
N VAL B 147 -12.43 -18.44 13.48
CA VAL B 147 -11.30 -19.01 12.76
C VAL B 147 -11.58 -20.48 12.49
N GLY B 148 -10.88 -21.00 11.50
CA GLY B 148 -10.84 -22.43 11.27
C GLY B 148 -9.44 -22.84 10.85
N TYR B 149 -9.07 -24.07 11.16
CA TYR B 149 -7.75 -24.53 10.73
C TYR B 149 -7.75 -26.04 10.58
N MET B 150 -6.76 -26.51 9.82
CA MET B 150 -6.74 -27.90 9.40
C MET B 150 -5.36 -28.22 8.85
N SER B 151 -4.87 -29.41 9.17
CA SER B 151 -3.69 -29.94 8.51
C SER B 151 -4.12 -31.11 7.64
N ALA B 152 -3.31 -31.38 6.61
CA ALA B 152 -3.65 -32.47 5.69
C ALA B 152 -3.60 -33.82 6.38
N GLN B 153 -2.80 -33.97 7.43
CA GLN B 153 -2.70 -35.28 8.09
C GLN B 153 -3.77 -35.49 9.17
N ASP B 154 -4.30 -34.43 9.81
CA ASP B 154 -5.35 -34.66 10.80
C ASP B 154 -6.67 -34.99 10.12
N GLY B 155 -6.96 -34.35 8.99
CA GLY B 155 -8.14 -34.71 8.22
C GLY B 155 -9.46 -34.33 8.83
N LYS B 156 -9.46 -33.49 9.86
CA LYS B 156 -10.69 -32.93 10.42
C LYS B 156 -10.44 -31.45 10.67
N ALA B 157 -11.22 -30.61 10.00
CA ALA B 157 -11.08 -29.17 10.22
C ALA B 157 -11.57 -28.82 11.61
N LYS B 158 -10.83 -27.94 12.29
CA LYS B 158 -11.24 -27.42 13.58
C LYS B 158 -11.67 -25.97 13.42
N THR B 159 -12.81 -25.62 14.02
CA THR B 159 -13.29 -24.25 14.00
C THR B 159 -13.52 -23.77 15.43
N HIS B 160 -13.46 -22.45 15.61
CA HIS B 160 -13.44 -21.89 16.97
C HIS B 160 -13.81 -20.43 16.93
N ILE B 161 -14.62 -20.01 17.89
CA ILE B 161 -15.01 -18.61 18.02
C ILE B 161 -14.22 -18.02 19.17
N SER B 162 -13.26 -17.17 18.81
CA SER B 162 -12.40 -16.49 19.76
C SER B 162 -13.10 -15.24 20.27
N ARG B 163 -13.10 -15.05 21.59
CA ARG B 163 -13.75 -13.91 22.22
C ARG B 163 -12.80 -13.19 23.15
N LEU B 164 -13.06 -11.89 23.32
CA LEU B 164 -12.42 -11.15 24.40
C LEU B 164 -12.91 -11.70 25.73
N PRO B 165 -12.06 -11.78 26.74
CA PRO B 165 -12.47 -12.35 28.04
C PRO B 165 -13.62 -11.55 28.64
N PRO B 166 -14.33 -12.12 29.60
CA PRO B 166 -15.37 -11.35 30.30
C PRO B 166 -14.76 -10.12 30.97
N GLY B 167 -15.43 -8.98 30.82
CA GLY B 167 -14.95 -7.73 31.36
C GLY B 167 -14.11 -6.89 30.42
N ALA B 168 -13.61 -7.46 29.32
CA ALA B 168 -12.81 -6.71 28.37
C ALA B 168 -13.68 -5.75 27.55
N VAL B 169 -13.03 -4.74 26.99
CA VAL B 169 -13.67 -3.72 26.16
C VAL B 169 -13.04 -3.75 24.78
N ALA B 170 -13.86 -4.01 23.76
CA ALA B 170 -13.38 -4.04 22.39
C ALA B 170 -12.67 -2.75 22.04
N GLY B 171 -11.56 -2.86 21.32
CA GLY B 171 -10.73 -1.71 20.99
C GLY B 171 -9.82 -1.25 22.11
N GLN B 172 -9.85 -1.91 23.27
CA GLN B 172 -9.00 -1.56 24.40
C GLN B 172 -8.27 -2.75 25.00
N SER B 173 -8.64 -3.98 24.63
CA SER B 173 -7.94 -5.19 25.03
C SER B 173 -7.63 -6.03 23.79
N VAL B 174 -6.69 -6.95 23.92
CA VAL B 174 -6.27 -7.82 22.83
C VAL B 174 -6.50 -9.25 23.27
N ALA B 175 -7.15 -10.04 22.40
CA ALA B 175 -7.21 -11.48 22.55
C ALA B 175 -6.22 -12.12 21.59
N ILE B 176 -5.58 -13.19 22.03
CA ILE B 176 -4.59 -13.89 21.19
C ILE B 176 -4.52 -15.35 21.62
N GLU B 177 -4.64 -16.25 20.64
CA GLU B 177 -4.50 -17.68 20.88
C GLU B 177 -3.76 -18.26 19.68
N GLY B 178 -3.39 -19.53 19.80
CA GLY B 178 -2.76 -20.19 18.67
C GLY B 178 -2.28 -21.58 19.04
N GLY B 179 -1.58 -22.18 18.10
CA GLY B 179 -1.08 -23.52 18.33
C GLY B 179 0.13 -23.80 17.49
N VAL B 180 0.50 -25.07 17.49
CA VAL B 180 1.69 -25.56 16.79
C VAL B 180 1.28 -26.81 16.02
N CYS B 181 1.83 -26.96 14.83
CA CYS B 181 1.50 -28.10 13.98
C CYS B 181 2.79 -28.58 13.35
N ARG B 182 3.05 -29.88 13.42
CA ARG B 182 4.28 -30.44 12.86
C ARG B 182 3.89 -31.30 11.66
N LEU B 183 4.42 -30.95 10.50
CA LEU B 183 4.09 -31.61 9.25
C LEU B 183 5.24 -32.45 8.73
N GLU B 184 4.91 -33.51 8.02
CA GLU B 184 5.89 -34.25 7.23
C GLU B 184 6.08 -33.55 5.89
N GLY B 185 7.33 -33.26 5.53
CA GLY B 185 7.60 -32.54 4.29
C GLY B 185 7.83 -33.47 3.12
N SER B 186 7.17 -34.63 3.13
CA SER B 186 7.42 -35.68 2.15
C SER B 186 6.22 -36.02 1.27
N GLY B 187 5.04 -35.46 1.53
CA GLY B 187 3.88 -35.84 0.75
C GLY B 187 3.34 -34.74 -0.13
N SER B 188 2.03 -34.56 -0.09
CA SER B 188 1.35 -33.45 -0.73
C SER B 188 0.49 -32.72 0.29
N GLY B 189 0.99 -32.61 1.51
CA GLY B 189 0.26 -32.08 2.62
C GLY B 189 0.40 -30.58 2.78
N GLY B 190 0.09 -30.11 3.97
CA GLY B 190 0.13 -28.70 4.28
C GLY B 190 -0.82 -28.38 5.43
N PHE B 191 -1.02 -27.08 5.61
CA PHE B 191 -1.80 -26.55 6.73
C PHE B 191 -2.47 -25.26 6.25
N VAL B 192 -3.68 -25.02 6.74
CA VAL B 192 -4.46 -23.83 6.42
C VAL B 192 -5.08 -23.28 7.69
N LEU B 193 -5.10 -21.96 7.81
CA LEU B 193 -5.84 -21.26 8.85
C LEU B 193 -6.68 -20.19 8.18
N VAL B 194 -7.97 -20.14 8.47
CA VAL B 194 -8.88 -19.19 7.85
C VAL B 194 -9.59 -18.38 8.94
N HIS B 195 -10.24 -17.28 8.52
CA HIS B 195 -11.14 -16.58 9.41
C HIS B 195 -12.31 -16.02 8.61
N ALA B 196 -13.47 -15.98 9.23
CA ALA B 196 -14.68 -15.55 8.55
C ALA B 196 -15.11 -14.17 9.00
N GLY B 197 -14.27 -13.50 9.76
CA GLY B 197 -14.53 -12.13 10.15
C GLY B 197 -14.17 -11.91 11.60
N ALA B 198 -13.92 -10.64 11.92
CA ALA B 198 -13.66 -10.20 13.28
C ALA B 198 -14.56 -9.00 13.51
N GLY B 199 -15.36 -9.05 14.57
CA GLY B 199 -16.28 -7.99 14.91
C GLY B 199 -17.17 -8.33 16.09
N TYR B 200 -18.46 -7.98 16.00
CA TYR B 200 -19.38 -8.21 17.10
C TYR B 200 -19.73 -9.69 17.22
N HIS B 201 -19.81 -10.17 18.47
CA HIS B 201 -20.23 -11.55 18.70
C HIS B 201 -21.68 -11.73 18.30
N SER B 202 -21.98 -12.86 17.66
CA SER B 202 -23.37 -13.21 17.33
C SER B 202 -23.60 -14.68 17.69
N GLU B 203 -24.29 -14.93 18.80
CA GLU B 203 -24.62 -16.29 19.17
C GLU B 203 -25.46 -16.99 18.09
N SER B 204 -26.33 -16.23 17.42
CA SER B 204 -27.29 -16.82 16.49
CA SER B 204 -27.28 -16.83 16.49
C SER B 204 -26.59 -17.43 15.27
N LYS B 205 -25.67 -16.70 14.65
CA LYS B 205 -25.03 -17.19 13.44
C LYS B 205 -23.66 -17.79 13.68
N ALA B 206 -23.31 -18.07 14.94
CA ALA B 206 -22.02 -18.69 15.25
C ALA B 206 -21.85 -19.99 14.48
N LYS B 207 -22.88 -20.82 14.45
CA LYS B 207 -22.77 -22.12 13.80
C LYS B 207 -22.52 -21.96 12.30
N GLU B 208 -23.14 -20.95 11.69
CA GLU B 208 -22.93 -20.76 10.26
C GLU B 208 -21.50 -20.32 9.95
N TYR B 209 -20.94 -19.45 10.79
CA TYR B 209 -19.56 -19.01 10.59
C TYR B 209 -18.58 -20.16 10.71
N LYS B 210 -18.77 -20.99 11.73
CA LYS B 210 -17.92 -22.16 11.92
C LYS B 210 -18.02 -23.10 10.72
N HIS B 211 -19.24 -23.32 10.24
CA HIS B 211 -19.44 -24.22 9.10
C HIS B 211 -18.71 -23.72 7.85
N VAL B 212 -18.76 -22.42 7.57
CA VAL B 212 -18.08 -21.96 6.36
C VAL B 212 -16.56 -22.01 6.55
N CYS B 213 -16.07 -21.73 7.76
CA CYS B 213 -14.63 -21.90 8.01
C CYS B 213 -14.23 -23.36 7.84
N LYS B 214 -15.07 -24.28 8.30
CA LYS B 214 -14.80 -25.70 8.12
C LYS B 214 -14.71 -26.05 6.64
N ARG B 215 -15.70 -25.63 5.84
CA ARG B 215 -15.67 -25.94 4.41
C ARG B 215 -14.49 -25.27 3.72
N ALA B 216 -14.16 -24.05 4.12
CA ALA B 216 -13.02 -23.35 3.50
C ALA B 216 -11.71 -24.10 3.75
N CYS B 217 -11.49 -24.58 4.97
CA CYS B 217 -10.28 -25.36 5.25
C CYS B 217 -10.25 -26.62 4.39
N GLN B 218 -11.37 -27.34 4.31
CA GLN B 218 -11.41 -28.58 3.54
C GLN B 218 -11.10 -28.34 2.06
N LYS B 219 -11.58 -27.23 1.50
CA LYS B 219 -11.24 -26.91 0.11
C LYS B 219 -9.76 -26.64 -0.05
N ALA B 220 -9.15 -25.93 0.91
CA ALA B 220 -7.73 -25.62 0.78
C ALA B 220 -6.89 -26.88 0.87
N ILE B 221 -7.22 -27.77 1.82
CA ILE B 221 -6.46 -29.00 1.99
C ILE B 221 -6.62 -29.90 0.77
N GLU B 222 -7.85 -30.01 0.24
CA GLU B 222 -8.05 -30.83 -0.94
C GLU B 222 -7.21 -30.33 -2.11
N LYS B 223 -7.13 -29.01 -2.28
CA LYS B 223 -6.24 -28.43 -3.30
C LYS B 223 -4.80 -28.85 -3.07
N LEU B 224 -4.30 -28.70 -1.85
CA LEU B 224 -2.92 -29.11 -1.56
C LEU B 224 -2.71 -30.58 -1.89
N GLN B 225 -3.66 -31.44 -1.50
CA GLN B 225 -3.53 -32.88 -1.69
C GLN B 225 -3.56 -33.29 -3.16
N ALA B 226 -4.18 -32.49 -4.02
CA ALA B 226 -4.09 -32.71 -5.45
C ALA B 226 -2.81 -32.15 -6.06
N GLY B 227 -1.91 -31.58 -5.25
CA GLY B 227 -0.67 -31.03 -5.72
C GLY B 227 -0.71 -29.57 -6.11
N ALA B 228 -1.75 -28.84 -5.72
CA ALA B 228 -1.89 -27.45 -6.15
C ALA B 228 -0.93 -26.52 -5.42
N LEU B 229 -0.68 -25.37 -6.04
CA LEU B 229 0.12 -24.32 -5.43
C LEU B 229 -0.55 -23.79 -4.17
N ALA B 230 0.27 -23.27 -3.26
CA ALA B 230 -0.27 -22.64 -2.06
C ALA B 230 -1.25 -21.51 -2.39
N THR B 231 -0.98 -20.72 -3.45
CA THR B 231 -1.90 -19.63 -3.80
C THR B 231 -3.24 -20.14 -4.31
N ASP B 232 -3.24 -21.25 -5.06
CA ASP B 232 -4.50 -21.82 -5.48
C ASP B 232 -5.27 -22.41 -4.30
N ALA B 233 -4.56 -22.97 -3.32
CA ALA B 233 -5.21 -23.51 -2.14
C ALA B 233 -5.81 -22.40 -1.29
N VAL B 234 -5.08 -21.31 -1.09
CA VAL B 234 -5.62 -20.20 -0.32
C VAL B 234 -6.76 -19.53 -1.08
N THR B 235 -6.70 -19.51 -2.43
CA THR B 235 -7.83 -18.98 -3.19
C THR B 235 -9.08 -19.85 -3.02
N ALA B 236 -8.94 -21.17 -3.06
CA ALA B 236 -10.11 -22.03 -2.90
C ALA B 236 -10.77 -21.84 -1.55
N ALA B 237 -9.98 -21.58 -0.51
CA ALA B 237 -10.55 -21.26 0.80
C ALA B 237 -11.37 -19.98 0.77
N LEU B 238 -10.80 -18.93 0.17
CA LEU B 238 -11.47 -17.63 0.18
C LEU B 238 -12.74 -17.64 -0.67
N VAL B 239 -12.74 -18.41 -1.77
CA VAL B 239 -13.95 -18.57 -2.57
C VAL B 239 -15.09 -19.07 -1.70
N GLU B 240 -14.81 -20.11 -0.91
CA GLU B 240 -15.80 -20.65 0.01
C GLU B 240 -16.24 -19.61 1.02
N LEU B 241 -15.27 -18.89 1.61
CA LEU B 241 -15.63 -17.86 2.59
C LEU B 241 -16.43 -16.73 1.95
N GLU B 242 -16.04 -16.30 0.75
CA GLU B 242 -16.77 -15.25 0.03
C GLU B 242 -18.23 -15.65 -0.20
N ASP B 243 -18.47 -16.91 -0.60
CA ASP B 243 -19.79 -17.34 -1.03
C ASP B 243 -20.80 -17.40 0.11
N SER B 244 -20.35 -17.37 1.36
CA SER B 244 -21.30 -17.40 2.46
C SER B 244 -22.04 -16.07 2.52
N PRO B 245 -23.37 -16.08 2.53
CA PRO B 245 -24.12 -14.82 2.68
C PRO B 245 -23.84 -14.12 4.00
N PHE B 246 -23.24 -14.79 4.97
CA PHE B 246 -22.98 -14.21 6.28
C PHE B 246 -21.66 -13.43 6.35
N THR B 247 -20.77 -13.57 5.37
CA THR B 247 -19.49 -12.87 5.43
C THR B 247 -19.55 -11.60 4.61
N ASN B 248 -18.91 -10.54 5.11
CA ASN B 248 -18.77 -9.28 4.39
C ASN B 248 -17.63 -9.39 3.37
N ALA B 249 -17.87 -10.19 2.35
CA ALA B 249 -16.97 -10.41 1.23
C ALA B 249 -17.76 -11.16 0.18
N GLY B 250 -17.41 -10.95 -1.09
CA GLY B 250 -18.18 -11.57 -2.16
C GLY B 250 -19.68 -11.38 -1.97
N MET B 251 -20.42 -12.48 -2.05
CA MET B 251 -21.87 -12.45 -1.84
C MET B 251 -22.19 -12.01 -0.42
N GLY B 252 -23.11 -11.07 -0.28
CA GLY B 252 -23.46 -10.58 1.03
C GLY B 252 -22.56 -9.46 1.51
N SER B 253 -21.65 -8.97 0.66
CA SER B 253 -20.86 -7.80 0.99
C SER B 253 -21.78 -6.64 1.37
N ASN B 254 -21.34 -5.83 2.34
CA ASN B 254 -22.04 -4.61 2.69
C ASN B 254 -22.31 -3.79 1.43
N LEU B 255 -23.48 -3.16 1.38
CA LEU B 255 -23.80 -2.27 0.27
C LEU B 255 -23.21 -0.89 0.55
N ASN B 256 -22.76 -0.21 -0.50
CA ASN B 256 -22.15 1.10 -0.33
C ASN B 256 -23.27 2.16 -0.25
N LEU B 257 -22.88 3.45 -0.27
CA LEU B 257 -23.85 4.53 -0.09
C LEU B 257 -24.96 4.50 -1.14
N LEU B 258 -24.69 3.98 -2.33
CA LEU B 258 -25.67 3.93 -3.40
C LEU B 258 -26.35 2.57 -3.51
N GLY B 259 -26.23 1.71 -2.50
CA GLY B 259 -26.86 0.40 -2.58
C GLY B 259 -26.16 -0.60 -3.49
N GLU B 260 -24.86 -0.44 -3.74
CA GLU B 260 -24.16 -1.33 -4.66
C GLU B 260 -23.00 -2.00 -3.95
N ILE B 261 -22.60 -3.15 -4.48
CA ILE B 261 -21.49 -3.90 -3.91
C ILE B 261 -20.20 -3.48 -4.60
N GLU B 262 -19.18 -3.19 -3.80
CA GLU B 262 -17.83 -2.93 -4.29
C GLU B 262 -16.84 -3.66 -3.40
N CYS B 263 -16.09 -4.59 -3.99
CA CYS B 263 -15.23 -5.53 -3.27
C CYS B 263 -13.76 -5.21 -3.42
N ASP B 264 -13.01 -5.48 -2.35
CA ASP B 264 -11.56 -5.43 -2.32
C ASP B 264 -11.03 -6.81 -2.00
N ALA B 265 -9.95 -7.22 -2.66
CA ALA B 265 -9.34 -8.52 -2.36
C ALA B 265 -7.88 -8.51 -2.84
N SER B 266 -7.06 -9.31 -2.17
CA SER B 266 -5.67 -9.43 -2.57
C SER B 266 -5.11 -10.74 -2.06
N ILE B 267 -3.98 -11.12 -2.65
CA ILE B 267 -3.35 -12.40 -2.43
C ILE B 267 -1.86 -12.22 -2.67
N MET B 268 -1.05 -12.91 -1.88
CA MET B 268 0.39 -12.82 -2.02
C MET B 268 0.99 -14.22 -1.95
N ASP B 269 2.02 -14.47 -2.76
CA ASP B 269 2.70 -15.76 -2.82
C ASP B 269 4.07 -15.67 -2.14
N GLY B 270 4.29 -16.47 -1.10
CA GLY B 270 5.53 -16.36 -0.34
C GLY B 270 6.78 -16.75 -1.11
N LYS B 271 6.65 -17.66 -2.08
CA LYS B 271 7.83 -18.15 -2.80
C LYS B 271 8.31 -17.15 -3.85
N SER B 272 7.41 -16.72 -4.73
CA SER B 272 7.75 -15.75 -5.77
C SER B 272 7.66 -14.31 -5.28
N LEU B 273 7.05 -14.07 -4.12
CA LEU B 273 6.74 -12.74 -3.60
C LEU B 273 5.77 -11.97 -4.52
N ASN B 274 5.14 -12.65 -5.47
CA ASN B 274 4.22 -11.95 -6.36
C ASN B 274 2.89 -11.69 -5.65
N PHE B 275 2.12 -10.78 -6.23
CA PHE B 275 0.97 -10.17 -5.57
C PHE B 275 -0.13 -9.89 -6.58
N GLY B 276 -1.38 -10.05 -6.19
CA GLY B 276 -2.50 -9.63 -7.04
C GLY B 276 -3.58 -8.98 -6.20
N ALA B 277 -4.26 -7.99 -6.78
CA ALA B 277 -5.26 -7.28 -5.99
C ALA B 277 -6.32 -6.63 -6.89
N VAL B 278 -7.53 -6.51 -6.34
CA VAL B 278 -8.62 -5.76 -6.95
C VAL B 278 -9.22 -4.83 -5.91
N GLY B 279 -9.63 -3.66 -6.33
CA GLY B 279 -10.34 -2.73 -5.47
C GLY B 279 -11.58 -2.22 -6.15
N ALA B 280 -12.61 -1.96 -5.34
CA ALA B 280 -13.87 -1.42 -5.81
C ALA B 280 -14.40 -2.23 -7.00
N LEU B 281 -14.35 -3.55 -6.87
CA LEU B 281 -14.79 -4.46 -7.92
C LEU B 281 -16.27 -4.82 -7.73
N SER B 282 -17.10 -4.53 -8.73
CA SER B 282 -18.50 -4.95 -8.71
CA SER B 282 -18.50 -4.91 -8.73
C SER B 282 -18.76 -5.92 -9.84
N GLY B 283 -19.81 -6.71 -9.67
CA GLY B 283 -20.28 -7.59 -10.72
C GLY B 283 -19.55 -8.90 -10.88
N ILE B 284 -18.59 -9.20 -10.01
CA ILE B 284 -17.83 -10.45 -10.07
C ILE B 284 -18.16 -11.25 -8.81
N LYS B 285 -18.52 -12.52 -9.00
CA LYS B 285 -18.95 -13.35 -7.88
C LYS B 285 -17.83 -13.55 -6.85
N ASN B 286 -16.62 -13.85 -7.30
CA ASN B 286 -15.51 -14.18 -6.40
C ASN B 286 -14.31 -13.28 -6.64
N PRO B 287 -14.26 -12.11 -5.99
CA PRO B 287 -13.12 -11.19 -6.18
C PRO B 287 -11.74 -11.82 -5.98
N VAL B 288 -11.58 -12.70 -5.00
CA VAL B 288 -10.27 -13.32 -4.80
C VAL B 288 -9.83 -14.10 -6.05
N SER B 289 -10.78 -14.63 -6.82
CA SER B 289 -10.42 -15.33 -8.04
C SER B 289 -9.74 -14.41 -9.04
N VAL B 290 -10.14 -13.13 -9.07
CA VAL B 290 -9.50 -12.18 -9.97
C VAL B 290 -8.11 -11.83 -9.47
N ALA B 291 -7.97 -11.59 -8.16
CA ALA B 291 -6.67 -11.32 -7.56
C ALA B 291 -5.70 -12.47 -7.84
N ASN B 292 -6.17 -13.71 -7.67
CA ASN B 292 -5.29 -14.84 -7.92
C ASN B 292 -4.89 -14.91 -9.39
N ARG B 293 -5.84 -14.61 -10.28
CA ARG B 293 -5.54 -14.63 -11.70
C ARG B 293 -4.54 -13.54 -12.09
N LEU B 294 -4.65 -12.36 -11.49
CA LEU B 294 -3.63 -11.32 -11.70
C LEU B 294 -2.26 -11.82 -11.25
N LEU B 295 -2.21 -12.48 -10.10
CA LEU B 295 -0.94 -13.03 -9.63
C LEU B 295 -0.43 -14.11 -10.59
N CYS B 296 -1.31 -15.04 -10.97
CA CYS B 296 -0.91 -16.12 -11.86
C CYS B 296 -0.40 -15.58 -13.20
N GLU B 297 -1.11 -14.61 -13.78
CA GLU B 297 -0.61 -14.00 -15.01
C GLU B 297 0.69 -13.25 -14.78
N GLY B 298 0.89 -12.67 -13.58
CA GLY B 298 2.16 -12.04 -13.28
C GLY B 298 3.34 -13.01 -13.29
N GLN B 299 3.10 -14.26 -12.88
CA GLN B 299 4.17 -15.26 -12.92
C GLN B 299 4.50 -15.64 -14.34
N LYS B 300 3.49 -15.69 -15.21
CA LYS B 300 3.74 -16.08 -16.60
C LYS B 300 4.57 -15.03 -17.34
N GLY B 301 4.42 -13.75 -16.98
CA GLY B 301 5.09 -12.66 -17.67
C GLY B 301 6.60 -12.68 -17.56
N ARG B 307 7.23 -5.99 -20.21
CA ARG B 307 6.51 -5.19 -19.21
C ARG B 307 5.89 -6.06 -18.13
N ILE B 308 6.03 -5.63 -16.88
CA ILE B 308 5.41 -6.35 -15.78
C ILE B 308 3.89 -6.29 -15.92
N PRO B 309 3.19 -7.41 -15.91
CA PRO B 309 1.73 -7.40 -15.98
C PRO B 309 1.16 -6.65 -14.78
N PRO B 310 -0.08 -6.18 -14.86
CA PRO B 310 -0.63 -5.43 -13.73
C PRO B 310 -0.81 -6.34 -12.52
N CYS B 311 -0.58 -5.79 -11.34
CA CYS B 311 -0.92 -6.53 -10.14
C CYS B 311 -2.13 -5.97 -9.42
N PHE B 312 -2.57 -4.75 -9.73
CA PHE B 312 -3.65 -4.10 -8.97
C PHE B 312 -4.59 -3.41 -9.95
N LEU B 313 -5.82 -3.93 -10.10
CA LEU B 313 -6.85 -3.32 -10.95
C LEU B 313 -8.05 -2.90 -10.11
N VAL B 314 -8.70 -1.80 -10.51
CA VAL B 314 -9.87 -1.32 -9.79
C VAL B 314 -11.04 -1.08 -10.73
N GLY B 315 -12.24 -1.09 -10.13
CA GLY B 315 -13.44 -0.57 -10.77
C GLY B 315 -13.81 -1.30 -12.04
N GLU B 316 -14.32 -0.53 -13.01
CA GLU B 316 -14.79 -1.09 -14.27
C GLU B 316 -13.65 -1.77 -15.04
N GLY B 317 -12.45 -1.19 -14.99
CA GLY B 317 -11.33 -1.87 -15.64
C GLY B 317 -11.08 -3.25 -15.06
N ALA B 318 -11.17 -3.39 -13.73
CA ALA B 318 -11.02 -4.70 -13.12
C ALA B 318 -12.13 -5.66 -13.54
N TYR B 319 -13.37 -5.18 -13.62
CA TYR B 319 -14.47 -6.02 -14.07
C TYR B 319 -14.23 -6.51 -15.50
N ARG B 320 -13.90 -5.59 -16.41
CA ARG B 320 -13.66 -5.95 -17.80
C ARG B 320 -12.54 -6.97 -17.93
N TRP B 321 -11.45 -6.78 -17.18
CA TRP B 321 -10.33 -7.72 -17.18
C TRP B 321 -10.75 -9.09 -16.64
N ALA B 322 -11.51 -9.12 -15.55
CA ALA B 322 -12.02 -10.39 -15.04
C ALA B 322 -12.87 -11.12 -16.08
N VAL B 323 -13.81 -10.40 -16.72
CA VAL B 323 -14.66 -11.03 -17.72
C VAL B 323 -13.84 -11.53 -18.89
N ASP B 324 -12.89 -10.73 -19.36
CA ASP B 324 -12.05 -11.10 -20.50
C ASP B 324 -11.20 -12.32 -20.19
N HIS B 325 -10.97 -12.62 -18.92
CA HIS B 325 -10.22 -13.79 -18.52
C HIS B 325 -11.13 -14.92 -18.05
N GLY B 326 -12.43 -14.78 -18.26
CA GLY B 326 -13.38 -15.85 -18.02
C GLY B 326 -13.77 -16.08 -16.58
N ILE B 327 -13.61 -15.08 -15.71
CA ILE B 327 -14.02 -15.22 -14.31
C ILE B 327 -15.51 -14.92 -14.20
N PRO B 328 -16.30 -15.82 -13.61
CA PRO B 328 -17.77 -15.66 -13.60
C PRO B 328 -18.23 -14.35 -12.98
N SER B 329 -19.24 -13.76 -13.61
CA SER B 329 -19.85 -12.52 -13.12
C SER B 329 -21.18 -12.85 -12.45
N CYS B 330 -21.67 -11.89 -11.67
CA CYS B 330 -23.01 -11.99 -11.09
C CYS B 330 -23.85 -10.78 -11.48
NA NA C . 1.50 16.87 -16.97
CL CL D . -1.40 -3.17 -17.91
CL CL E . 21.15 21.01 -15.03
C10 R1G F . 9.53 12.52 -18.27
C12 R1G F . 7.77 10.80 -18.26
C13 R1G F . 7.53 9.30 -18.16
C15 R1G F . 9.62 9.06 -16.85
C16 R1G F . 9.76 10.57 -16.80
C02 R1G F . 15.49 14.82 -17.39
C06 R1G F . 13.50 13.54 -17.12
C07 R1G F . 13.32 12.60 -18.12
C08 R1G F . 12.04 12.26 -18.49
C09 R1G F . 10.94 12.87 -17.88
C20 R1G F . 8.31 7.88 -14.32
C21 R1G F . 8.65 9.02 -13.76
C22 R1G F . 11.15 13.82 -16.88
C23 R1G F . 12.44 14.16 -16.51
F01 R1G F . 15.88 14.32 -18.58
F03 R1G F . 14.79 15.92 -17.62
F04 R1G F . 16.58 15.20 -16.71
N11 R1G F . 9.21 11.10 -18.06
N14 R1G F . 8.15 8.92 -16.87
O05 R1G F . 14.77 13.94 -16.69
O18 R1G F . 7.53 6.39 -16.58
O19 R1G F . 5.89 8.30 -15.56
S17 R1G F . 7.36 7.79 -15.87
NA NA G . -19.95 -13.46 1.68
CL CL H . -16.72 6.67 2.75
C10 R1G I . -19.22 -10.70 10.42
C12 R1G I . -19.40 -8.53 9.32
C13 R1G I . -19.02 -7.06 9.47
C15 R1G I . -16.92 -7.70 10.63
C16 R1G I . -17.33 -9.17 10.52
C02 R1G I . -17.96 -14.52 15.40
C06 R1G I . -17.66 -12.86 13.74
C07 R1G I . -18.39 -11.70 13.96
C08 R1G I . -18.89 -11.01 12.89
C09 R1G I . -18.67 -11.48 11.60
C20 R1G I . -15.88 -5.02 10.16
C21 R1G I . -16.05 -3.75 10.39
C22 R1G I . -17.94 -12.63 11.40
C23 R1G I . -17.44 -13.34 12.48
F01 R1G I . -18.55 -15.34 14.51
F03 R1G I . -17.24 -15.25 16.25
F04 R1G I . -18.98 -13.96 16.09
N11 R1G I . -18.80 -9.30 10.43
N14 R1G I . -17.54 -7.05 9.48
O05 R1G I . -17.16 -13.61 14.81
O18 R1G I . -15.79 -6.27 7.67
O19 R1G I . -17.87 -4.64 8.37
S17 R1G I . -16.77 -5.70 8.77
#